data_3D5Q
#
_entry.id   3D5Q
#
_cell.length_a   56.675
_cell.length_b   153.319
_cell.length_c   73.601
_cell.angle_alpha   90.00
_cell.angle_beta   92.20
_cell.angle_gamma   90.00
#
_symmetry.space_group_name_H-M   'P 1 21 1'
#
loop_
_entity.id
_entity.type
_entity.pdbx_description
1 polymer 'Corticosteroid 11-beta-dehydrogenase isozyme 1'
2 non-polymer 'NADP NICOTINAMIDE-ADENINE-DINUCLEOTIDE PHOSPHATE'
3 non-polymer 3-[1-(4-fluorophenyl)cyclopropyl]-4-(1-methylethyl)-5-[4-(trifluoromethoxy)phenyl]-4H-1,2,4-triazole
#
_entity_poly.entity_id   1
_entity_poly.type   'polypeptide(L)'
_entity_poly.pdbx_seq_one_letter_code
;QPLNEEFRPEMLQGKKVIVTGASKGIGREMAYHLAKMGAHVVVTARSKETLQKVVSHCLELGAASAHYIAGTMEDMTFAE
QFVAQAGKLMGGLDMLILNHITNTSLNLFHDDIHHVRKSMEVNFLSYVVLTVAALPMLKQSNGSIVVVSSLAGKVAYPMV
AAYSASKFALDGFFSSIRKEYSVSRVNVSITLCVLGLIDTETAMKAVSGIVHMQAAPKEECALEIIKGGALRQEEVYYDS
SLWTTLLIRNPSRKILEFLYSTSYNMDRFINK
;
_entity_poly.pdbx_strand_id   A,B,C,D
#
# COMPACT_ATOMS: atom_id res chain seq x y z
N GLN A 1 5.01 -20.57 8.69
CA GLN A 1 6.47 -20.82 8.89
C GLN A 1 7.10 -21.57 7.70
N PRO A 2 7.46 -20.83 6.63
CA PRO A 2 8.22 -21.42 5.51
C PRO A 2 9.57 -22.02 5.95
N LEU A 3 10.40 -22.39 4.97
CA LEU A 3 11.61 -23.19 5.25
C LEU A 3 12.83 -22.42 5.78
N ASN A 4 13.95 -23.13 5.92
CA ASN A 4 15.21 -22.53 6.36
C ASN A 4 16.41 -22.96 5.49
N GLU A 5 16.13 -23.23 4.21
CA GLU A 5 17.15 -23.58 3.20
C GLU A 5 16.49 -23.93 1.86
N GLU A 6 17.25 -23.85 0.76
CA GLU A 6 16.65 -23.88 -0.59
C GLU A 6 16.36 -25.26 -1.19
N PHE A 7 15.56 -25.28 -2.25
CA PHE A 7 14.96 -26.51 -2.78
C PHE A 7 15.86 -27.45 -3.59
N ARG A 8 15.89 -28.72 -3.18
CA ARG A 8 16.57 -29.79 -3.90
C ARG A 8 15.59 -30.81 -4.45
N PRO A 9 15.72 -31.15 -5.75
CA PRO A 9 14.85 -32.15 -6.39
C PRO A 9 14.60 -33.43 -5.58
N GLU A 10 15.55 -33.77 -4.70
CA GLU A 10 15.47 -34.99 -3.88
C GLU A 10 14.42 -34.96 -2.76
N MET A 11 13.85 -33.80 -2.47
CA MET A 11 12.87 -33.67 -1.38
C MET A 11 11.57 -34.38 -1.71
N LEU A 12 11.44 -34.83 -2.94
CA LEU A 12 10.21 -35.44 -3.41
C LEU A 12 10.40 -36.94 -3.59
N GLN A 13 11.65 -37.37 -3.59
CA GLN A 13 11.97 -38.79 -3.73
C GLN A 13 11.19 -39.63 -2.73
N GLY A 14 10.31 -40.47 -3.23
CA GLY A 14 9.57 -41.39 -2.38
C GLY A 14 8.51 -40.68 -1.56
N LYS A 15 8.20 -39.45 -1.98
CA LYS A 15 7.07 -38.72 -1.40
C LYS A 15 5.77 -39.11 -2.11
N LYS A 16 4.74 -39.39 -1.31
CA LYS A 16 3.45 -39.80 -1.84
C LYS A 16 2.59 -38.57 -2.16
N VAL A 17 2.06 -38.52 -3.36
CA VAL A 17 1.48 -37.28 -3.81
C VAL A 17 0.30 -37.50 -4.75
N ILE A 18 -0.67 -36.61 -4.62
CA ILE A 18 -1.87 -36.64 -5.43
C ILE A 18 -1.83 -35.37 -6.25
N VAL A 19 -2.18 -35.50 -7.53
CA VAL A 19 -2.30 -34.37 -8.43
C VAL A 19 -3.66 -34.45 -9.11
N THR A 20 -4.42 -33.36 -9.12
CA THR A 20 -5.79 -33.40 -9.65
C THR A 20 -5.81 -32.68 -10.97
N GLY A 21 -6.76 -33.04 -11.83
CA GLY A 21 -6.73 -32.57 -13.21
C GLY A 21 -5.36 -32.80 -13.86
N ALA A 22 -4.74 -33.93 -13.55
CA ALA A 22 -3.37 -34.14 -13.97
C ALA A 22 -3.36 -34.83 -15.33
N SER A 23 -4.53 -34.89 -15.94
CA SER A 23 -4.64 -35.46 -17.26
C SER A 23 -4.20 -34.50 -18.37
N LYS A 24 -4.04 -33.21 -18.05
CA LYS A 24 -3.38 -32.30 -18.98
C LYS A 24 -2.72 -31.05 -18.39
N GLY A 25 -2.39 -30.11 -19.25
CA GLY A 25 -1.85 -28.82 -18.86
C GLY A 25 -0.91 -28.82 -17.66
N ILE A 26 -1.09 -27.85 -16.79
CA ILE A 26 -0.16 -27.68 -15.69
C ILE A 26 -0.14 -28.96 -14.86
N GLY A 27 -1.28 -29.64 -14.80
CA GLY A 27 -1.40 -30.84 -13.99
C GLY A 27 -0.53 -31.98 -14.51
N ARG A 28 -0.62 -32.23 -15.82
CA ARG A 28 0.19 -33.25 -16.47
C ARG A 28 1.67 -32.99 -16.24
N GLU A 29 2.06 -31.73 -16.35
CA GLU A 29 3.44 -31.36 -16.14
C GLU A 29 3.88 -31.58 -14.70
N MET A 30 3.11 -31.12 -13.74
CA MET A 30 3.45 -31.41 -12.35
C MET A 30 3.75 -32.89 -12.15
N ALA A 31 2.89 -33.73 -12.72
CA ALA A 31 3.05 -35.16 -12.62
C ALA A 31 4.42 -35.62 -13.18
N TYR A 32 4.74 -35.20 -14.40
CA TYR A 32 6.01 -35.57 -14.99
C TYR A 32 7.18 -35.11 -14.11
N HIS A 33 7.23 -33.83 -13.80
CA HIS A 33 8.31 -33.35 -12.92
C HIS A 33 8.49 -34.31 -11.76
N LEU A 34 7.37 -34.79 -11.23
CA LEU A 34 7.36 -35.59 -10.01
C LEU A 34 7.95 -36.98 -10.19
N ALA A 35 7.40 -37.74 -11.13
CA ALA A 35 7.98 -39.01 -11.52
C ALA A 35 9.50 -38.85 -11.75
N LYS A 36 9.85 -37.78 -12.47
CA LYS A 36 11.24 -37.43 -12.76
C LYS A 36 12.08 -37.08 -11.52
N MET A 37 11.44 -36.99 -10.34
CA MET A 37 12.16 -36.83 -9.07
C MET A 37 11.95 -38.05 -8.19
N GLY A 38 11.20 -39.02 -8.73
CA GLY A 38 11.05 -40.32 -8.09
C GLY A 38 10.02 -40.38 -6.99
N ALA A 39 9.02 -39.51 -7.05
CA ALA A 39 7.92 -39.53 -6.09
C ALA A 39 6.91 -40.63 -6.43
N HIS A 40 6.18 -41.11 -5.45
CA HIS A 40 4.99 -41.92 -5.73
C HIS A 40 3.86 -41.01 -6.18
N VAL A 41 2.99 -41.50 -7.07
CA VAL A 41 2.05 -40.59 -7.69
C VAL A 41 0.69 -41.16 -8.05
N VAL A 42 -0.38 -40.49 -7.60
CA VAL A 42 -1.73 -40.77 -8.09
C VAL A 42 -2.31 -39.54 -8.76
N VAL A 43 -2.77 -39.72 -9.99
CA VAL A 43 -3.27 -38.61 -10.76
C VAL A 43 -4.72 -38.88 -11.07
N THR A 44 -5.49 -37.83 -11.33
CA THR A 44 -6.92 -38.00 -11.56
C THR A 44 -7.51 -36.98 -12.51
N ALA A 45 -8.67 -37.30 -13.05
CA ALA A 45 -9.35 -36.46 -14.01
C ALA A 45 -10.50 -37.31 -14.49
N ARG A 46 -11.28 -36.82 -15.43
CA ARG A 46 -12.36 -37.67 -15.94
C ARG A 46 -11.93 -38.68 -17.01
N SER A 47 -11.00 -38.29 -17.88
CA SER A 47 -10.64 -39.13 -19.04
C SER A 47 -9.64 -40.25 -18.75
N LYS A 48 -10.09 -41.50 -18.78
CA LYS A 48 -9.20 -42.65 -18.54
C LYS A 48 -8.13 -42.83 -19.63
N GLU A 49 -8.52 -42.66 -20.89
CA GLU A 49 -7.55 -42.74 -21.97
C GLU A 49 -6.33 -41.90 -21.63
N THR A 50 -6.53 -40.59 -21.58
CA THR A 50 -5.41 -39.67 -21.41
C THR A 50 -4.65 -39.95 -20.12
N LEU A 51 -5.36 -40.32 -19.08
CA LEU A 51 -4.71 -40.63 -17.82
C LEU A 51 -3.76 -41.81 -18.00
N GLN A 52 -4.15 -42.76 -18.85
CA GLN A 52 -3.29 -43.91 -19.09
C GLN A 52 -1.94 -43.45 -19.61
N LYS A 53 -1.96 -42.51 -20.55
CA LYS A 53 -0.71 -42.00 -21.11
C LYS A 53 0.11 -41.31 -20.04
N VAL A 54 -0.55 -40.51 -19.21
CA VAL A 54 0.18 -39.76 -18.21
C VAL A 54 0.92 -40.74 -17.32
N VAL A 55 0.21 -41.80 -16.93
CA VAL A 55 0.76 -42.81 -16.04
C VAL A 55 1.93 -43.53 -16.67
N SER A 56 1.76 -44.08 -17.87
CA SER A 56 2.86 -44.77 -18.53
C SER A 56 4.12 -43.89 -18.64
N HIS A 57 3.97 -42.75 -19.30
CA HIS A 57 5.07 -41.82 -19.51
C HIS A 57 5.74 -41.51 -18.17
N CYS A 58 4.95 -41.55 -17.11
CA CYS A 58 5.43 -41.24 -15.77
C CYS A 58 6.37 -42.32 -15.26
N LEU A 59 6.07 -43.56 -15.59
CA LEU A 59 6.94 -44.66 -15.25
C LEU A 59 8.27 -44.51 -15.99
N GLU A 60 8.20 -44.14 -17.27
CA GLU A 60 9.38 -43.90 -18.11
C GLU A 60 10.42 -42.95 -17.51
N LEU A 61 10.05 -42.19 -16.49
CA LEU A 61 10.91 -41.10 -16.04
C LEU A 61 11.43 -41.27 -14.62
N GLY A 62 11.04 -42.36 -13.98
CA GLY A 62 11.62 -42.72 -12.68
C GLY A 62 10.67 -42.58 -11.51
N ALA A 63 9.39 -42.77 -11.80
CA ALA A 63 8.37 -42.70 -10.79
C ALA A 63 8.49 -43.89 -9.86
N ALA A 64 8.68 -43.63 -8.57
CA ALA A 64 8.62 -44.67 -7.57
C ALA A 64 7.36 -45.51 -7.85
N SER A 65 6.20 -44.85 -7.95
CA SER A 65 4.99 -45.49 -8.46
C SER A 65 4.15 -44.54 -9.32
N ALA A 66 3.14 -45.07 -9.99
CA ALA A 66 2.28 -44.26 -10.83
C ALA A 66 0.97 -44.97 -11.18
N HIS A 67 -0.14 -44.43 -10.68
CA HIS A 67 -1.49 -44.98 -10.96
C HIS A 67 -2.55 -43.89 -11.06
N TYR A 68 -3.71 -44.23 -11.59
CA TYR A 68 -4.75 -43.26 -11.75
C TYR A 68 -6.12 -43.79 -11.35
N ILE A 69 -7.04 -42.86 -11.17
CA ILE A 69 -8.41 -43.19 -10.83
C ILE A 69 -9.23 -42.14 -11.54
N ALA A 70 -10.06 -42.58 -12.47
CA ALA A 70 -10.80 -41.63 -13.30
C ALA A 70 -12.15 -41.31 -12.69
N GLY A 71 -12.46 -40.02 -12.61
CA GLY A 71 -13.78 -39.60 -12.20
C GLY A 71 -14.01 -38.11 -12.25
N THR A 72 -15.25 -37.70 -12.00
CA THR A 72 -15.57 -36.29 -12.01
C THR A 72 -15.68 -35.74 -10.60
N MET A 73 -14.97 -34.64 -10.38
CA MET A 73 -15.02 -33.95 -9.09
C MET A 73 -16.32 -33.16 -8.96
N GLU A 74 -17.24 -33.38 -9.89
CA GLU A 74 -18.58 -32.87 -9.72
C GLU A 74 -19.27 -33.67 -8.62
N ASP A 75 -18.61 -34.76 -8.21
CA ASP A 75 -19.19 -35.76 -7.34
C ASP A 75 -18.37 -35.81 -6.07
N MET A 76 -18.94 -35.31 -4.99
CA MET A 76 -18.22 -35.26 -3.73
C MET A 76 -18.00 -36.67 -3.19
N THR A 77 -18.86 -37.61 -3.57
CA THR A 77 -18.68 -38.98 -3.09
C THR A 77 -17.38 -39.53 -3.69
N PHE A 78 -17.23 -39.34 -5.00
CA PHE A 78 -15.97 -39.64 -5.65
C PHE A 78 -14.87 -38.91 -4.91
N ALA A 79 -14.94 -37.58 -4.88
CA ALA A 79 -13.83 -36.85 -4.30
C ALA A 79 -13.38 -37.56 -3.01
N GLU A 80 -14.31 -37.74 -2.10
CA GLU A 80 -14.08 -38.40 -0.82
C GLU A 80 -13.43 -39.79 -0.99
N GLN A 81 -14.11 -40.67 -1.70
CA GLN A 81 -13.60 -42.03 -1.87
C GLN A 81 -12.27 -42.08 -2.62
N PHE A 82 -12.06 -41.18 -3.57
CA PHE A 82 -10.80 -41.11 -4.33
C PHE A 82 -9.52 -40.96 -3.50
N VAL A 83 -9.61 -40.23 -2.39
CA VAL A 83 -8.43 -39.88 -1.60
C VAL A 83 -8.09 -41.07 -0.73
N ALA A 84 -9.12 -41.66 -0.12
CA ALA A 84 -8.94 -42.89 0.63
C ALA A 84 -8.20 -43.89 -0.25
N GLN A 85 -8.81 -44.24 -1.39
CA GLN A 85 -8.25 -45.20 -2.32
C GLN A 85 -6.84 -44.87 -2.75
N ALA A 86 -6.55 -43.61 -3.06
CA ALA A 86 -5.17 -43.22 -3.38
C ALA A 86 -4.26 -43.29 -2.17
N GLY A 87 -4.78 -42.91 -1.01
CA GLY A 87 -4.04 -43.07 0.24
C GLY A 87 -3.70 -44.53 0.52
N LYS A 88 -4.65 -45.43 0.28
CA LYS A 88 -4.42 -46.85 0.49
C LYS A 88 -3.34 -47.37 -0.44
N LEU A 89 -3.51 -47.14 -1.73
CA LEU A 89 -2.57 -47.59 -2.74
C LEU A 89 -1.11 -47.25 -2.43
N MET A 90 -0.88 -46.09 -1.84
CA MET A 90 0.48 -45.61 -1.61
C MET A 90 0.98 -45.86 -0.19
N GLY A 91 0.03 -46.03 0.74
CA GLY A 91 0.35 -46.25 2.14
C GLY A 91 0.55 -44.94 2.87
N GLY A 92 -0.10 -43.89 2.38
CA GLY A 92 0.03 -42.55 2.97
C GLY A 92 -0.04 -41.41 1.95
N LEU A 93 0.29 -40.21 2.40
CA LEU A 93 0.21 -39.01 1.56
C LEU A 93 1.02 -37.88 2.21
N ASP A 94 1.88 -37.25 1.42
CA ASP A 94 2.79 -36.22 1.90
C ASP A 94 2.41 -34.86 1.35
N MET A 95 1.71 -34.88 0.24
CA MET A 95 1.42 -33.66 -0.49
C MET A 95 0.18 -33.89 -1.33
N LEU A 96 -0.74 -32.94 -1.26
CA LEU A 96 -1.96 -32.98 -2.04
C LEU A 96 -1.92 -31.76 -2.96
N ILE A 97 -2.22 -31.95 -4.23
CA ILE A 97 -2.20 -30.83 -5.15
C ILE A 97 -3.54 -30.76 -5.85
N LEU A 98 -4.28 -29.71 -5.53
CA LEU A 98 -5.63 -29.50 -6.01
C LEU A 98 -5.49 -28.53 -7.16
N ASN A 99 -5.91 -28.94 -8.34
CA ASN A 99 -5.54 -28.25 -9.58
C ASN A 99 -6.65 -28.31 -10.63
N HIS A 100 -7.49 -29.34 -10.60
CA HIS A 100 -8.61 -29.39 -11.54
C HIS A 100 -9.48 -28.14 -11.50
N ILE A 101 -10.17 -27.85 -12.60
CA ILE A 101 -11.28 -26.88 -12.62
C ILE A 101 -12.28 -27.38 -13.63
N THR A 102 -13.45 -26.76 -13.67
CA THR A 102 -14.49 -27.18 -14.59
C THR A 102 -14.24 -26.48 -15.91
N ASN A 103 -14.82 -26.97 -16.99
CA ASN A 103 -14.57 -26.35 -18.27
C ASN A 103 -15.18 -24.96 -18.25
N THR A 104 -14.49 -24.00 -18.86
CA THR A 104 -15.09 -22.68 -18.91
C THR A 104 -14.64 -21.84 -20.09
N SER A 105 -15.59 -21.11 -20.67
CA SER A 105 -15.25 -20.15 -21.72
C SER A 105 -15.36 -18.70 -21.24
N LEU A 106 -14.72 -17.81 -21.99
CA LEU A 106 -14.89 -16.38 -21.79
C LEU A 106 -16.23 -15.92 -22.34
N ASN A 107 -17.06 -15.38 -21.47
CA ASN A 107 -18.31 -14.73 -21.85
C ASN A 107 -18.72 -13.72 -20.79
N LEU A 108 -19.40 -12.66 -21.21
CA LEU A 108 -20.12 -11.83 -20.27
C LEU A 108 -21.10 -12.73 -19.56
N PHE A 109 -21.30 -12.47 -18.29
CA PHE A 109 -22.28 -13.19 -17.52
C PHE A 109 -23.68 -12.65 -17.76
N HIS A 110 -24.64 -13.56 -17.92
CA HIS A 110 -26.01 -13.14 -18.15
C HIS A 110 -26.96 -13.77 -17.13
N ASP A 111 -27.39 -14.99 -17.39
CA ASP A 111 -28.29 -15.64 -16.45
C ASP A 111 -27.93 -17.10 -16.18
N ASP A 112 -26.74 -17.53 -16.59
CA ASP A 112 -26.40 -18.93 -16.43
C ASP A 112 -25.86 -19.22 -15.05
N ILE A 113 -26.80 -19.46 -14.15
CA ILE A 113 -26.55 -19.70 -12.73
C ILE A 113 -26.03 -21.10 -12.56
N HIS A 114 -26.38 -21.99 -13.48
CA HIS A 114 -25.85 -23.34 -13.41
C HIS A 114 -24.34 -23.30 -13.51
N HIS A 115 -23.81 -22.42 -14.35
CA HIS A 115 -22.37 -22.38 -14.47
C HIS A 115 -21.71 -21.86 -13.21
N VAL A 116 -22.38 -20.95 -12.51
CA VAL A 116 -21.80 -20.38 -11.30
C VAL A 116 -21.75 -21.46 -10.22
N ARG A 117 -22.84 -22.20 -10.07
CA ARG A 117 -22.90 -23.27 -9.08
C ARG A 117 -21.87 -24.37 -9.35
N LYS A 118 -21.84 -24.87 -10.58
CA LYS A 118 -20.84 -25.87 -10.87
C LYS A 118 -19.42 -25.38 -10.60
N SER A 119 -19.13 -24.15 -11.03
CA SER A 119 -17.80 -23.56 -10.76
C SER A 119 -17.48 -23.65 -9.28
N MET A 120 -18.45 -23.28 -8.44
CA MET A 120 -18.27 -23.38 -7.00
C MET A 120 -18.15 -24.82 -6.54
N GLU A 121 -18.95 -25.72 -7.10
CA GLU A 121 -18.87 -27.13 -6.72
C GLU A 121 -17.49 -27.72 -7.06
N VAL A 122 -17.11 -27.62 -8.33
CA VAL A 122 -15.92 -28.31 -8.86
C VAL A 122 -14.61 -27.62 -8.49
N ASN A 123 -14.52 -26.32 -8.72
CA ASN A 123 -13.33 -25.53 -8.42
C ASN A 123 -13.07 -25.29 -6.93
N PHE A 124 -14.12 -25.29 -6.12
CA PHE A 124 -13.97 -24.85 -4.75
C PHE A 124 -14.45 -25.86 -3.73
N LEU A 125 -15.68 -26.31 -3.87
CA LEU A 125 -16.22 -27.27 -2.93
C LEU A 125 -15.41 -28.55 -2.86
N SER A 126 -15.19 -29.16 -4.02
CA SER A 126 -14.42 -30.38 -4.11
C SER A 126 -13.06 -30.24 -3.42
N TYR A 127 -12.38 -29.12 -3.67
CA TYR A 127 -11.08 -28.90 -3.04
C TYR A 127 -11.18 -29.09 -1.53
N VAL A 128 -12.29 -28.63 -0.98
CA VAL A 128 -12.53 -28.70 0.45
C VAL A 128 -12.78 -30.14 0.87
N VAL A 129 -13.76 -30.77 0.25
CA VAL A 129 -13.98 -32.19 0.44
C VAL A 129 -12.67 -32.99 0.40
N LEU A 130 -11.86 -32.79 -0.65
CA LEU A 130 -10.61 -33.54 -0.79
C LEU A 130 -9.70 -33.26 0.39
N THR A 131 -9.68 -32.02 0.81
CA THR A 131 -8.82 -31.65 1.92
C THR A 131 -9.28 -32.40 3.16
N VAL A 132 -10.59 -32.46 3.35
CA VAL A 132 -11.12 -33.12 4.52
C VAL A 132 -10.71 -34.58 4.55
N ALA A 133 -10.81 -35.21 3.38
CA ALA A 133 -10.54 -36.64 3.25
C ALA A 133 -9.06 -36.95 3.41
N ALA A 134 -8.23 -35.93 3.26
CA ALA A 134 -6.79 -36.09 3.16
C ALA A 134 -6.05 -35.66 4.42
N LEU A 135 -6.67 -34.77 5.18
CA LEU A 135 -5.99 -34.21 6.33
C LEU A 135 -5.45 -35.28 7.33
N PRO A 136 -6.25 -36.31 7.64
CA PRO A 136 -5.74 -37.25 8.66
C PRO A 136 -4.40 -37.85 8.27
N MET A 137 -4.27 -38.22 7.00
CA MET A 137 -3.02 -38.75 6.45
C MET A 137 -1.95 -37.68 6.33
N LEU A 138 -2.39 -36.45 6.08
CA LEU A 138 -1.47 -35.32 5.97
C LEU A 138 -0.93 -34.91 7.34
N LYS A 139 -1.81 -34.82 8.33
CA LYS A 139 -1.34 -34.64 9.71
C LYS A 139 -0.24 -35.66 10.00
N GLN A 140 -0.45 -36.88 9.53
CA GLN A 140 0.46 -37.98 9.79
C GLN A 140 1.88 -37.80 9.22
N SER A 141 1.99 -37.20 8.04
CA SER A 141 3.29 -37.08 7.37
C SER A 141 3.79 -35.65 7.40
N ASN A 142 3.07 -34.79 8.11
CA ASN A 142 3.32 -33.35 8.11
C ASN A 142 3.48 -32.78 6.71
N GLY A 143 2.60 -33.23 5.82
CA GLY A 143 2.72 -32.94 4.41
C GLY A 143 2.23 -31.56 4.05
N SER A 144 1.82 -31.41 2.79
CA SER A 144 1.43 -30.11 2.31
C SER A 144 0.22 -30.18 1.42
N ILE A 145 -0.55 -29.10 1.45
CA ILE A 145 -1.68 -28.91 0.56
C ILE A 145 -1.33 -27.76 -0.38
N VAL A 146 -1.50 -27.98 -1.66
CA VAL A 146 -1.21 -26.95 -2.63
C VAL A 146 -2.45 -26.64 -3.44
N VAL A 147 -2.83 -25.38 -3.44
CA VAL A 147 -4.05 -24.98 -4.10
C VAL A 147 -3.70 -24.04 -5.23
N VAL A 148 -4.16 -24.41 -6.42
CA VAL A 148 -3.73 -23.74 -7.61
C VAL A 148 -4.78 -22.72 -7.94
N SER A 149 -4.33 -21.46 -8.06
CA SER A 149 -5.22 -20.32 -8.27
C SER A 149 -4.74 -19.42 -9.43
N SER A 150 -5.27 -18.20 -9.49
CA SER A 150 -5.09 -17.30 -10.61
C SER A 150 -5.09 -15.85 -10.15
N LEU A 151 -4.39 -15.00 -10.91
CA LEU A 151 -4.47 -13.56 -10.67
C LEU A 151 -5.92 -13.20 -10.45
N ALA A 152 -6.77 -13.68 -11.36
CA ALA A 152 -8.19 -13.44 -11.30
C ALA A 152 -8.79 -14.02 -10.01
N GLY A 153 -7.93 -14.61 -9.18
CA GLY A 153 -8.33 -14.99 -7.85
C GLY A 153 -7.79 -14.03 -6.81
N LYS A 154 -7.31 -12.88 -7.26
CA LYS A 154 -6.87 -11.81 -6.35
C LYS A 154 -7.32 -10.44 -6.86
N VAL A 155 -7.63 -10.34 -8.14
CA VAL A 155 -8.06 -9.06 -8.70
C VAL A 155 -9.20 -9.33 -9.65
N ALA A 156 -9.96 -8.30 -9.97
CA ALA A 156 -11.18 -8.45 -10.73
C ALA A 156 -10.90 -8.36 -12.21
N TYR A 157 -11.57 -9.20 -13.00
CA TYR A 157 -11.33 -9.22 -14.43
C TYR A 157 -12.62 -9.64 -15.10
N PRO A 158 -13.03 -8.94 -16.17
CA PRO A 158 -14.26 -9.32 -16.85
C PRO A 158 -14.14 -10.64 -17.59
N MET A 159 -15.28 -11.19 -17.98
CA MET A 159 -15.34 -12.37 -18.83
C MET A 159 -15.13 -13.64 -18.00
N VAL A 160 -14.92 -13.49 -16.69
CA VAL A 160 -14.62 -14.64 -15.84
C VAL A 160 -15.29 -14.61 -14.46
N ALA A 161 -16.48 -14.06 -14.38
CA ALA A 161 -17.13 -13.87 -13.07
C ALA A 161 -17.27 -15.17 -12.24
N ALA A 162 -18.02 -16.14 -12.73
CA ALA A 162 -18.09 -17.43 -12.05
C ALA A 162 -16.69 -17.97 -11.74
N TYR A 163 -15.83 -18.04 -12.76
CA TYR A 163 -14.51 -18.60 -12.52
C TYR A 163 -13.85 -17.88 -11.35
N SER A 164 -13.76 -16.57 -11.48
CA SER A 164 -13.08 -15.71 -10.51
C SER A 164 -13.66 -15.87 -9.10
N ALA A 165 -14.98 -15.92 -9.04
CA ALA A 165 -15.67 -16.07 -7.78
C ALA A 165 -15.06 -17.26 -7.05
N SER A 166 -14.99 -18.41 -7.70
CA SER A 166 -14.55 -19.63 -7.02
C SER A 166 -13.12 -19.54 -6.53
N LYS A 167 -12.27 -18.87 -7.32
CA LYS A 167 -10.85 -18.78 -7.01
C LYS A 167 -10.66 -17.90 -5.81
N PHE A 168 -11.40 -16.79 -5.79
CA PHE A 168 -11.50 -15.93 -4.62
C PHE A 168 -11.87 -16.75 -3.39
N ALA A 169 -12.93 -17.55 -3.52
CA ALA A 169 -13.36 -18.48 -2.48
C ALA A 169 -12.19 -19.31 -1.93
N LEU A 170 -11.37 -19.83 -2.83
CA LEU A 170 -10.25 -20.66 -2.43
C LEU A 170 -9.35 -19.93 -1.46
N ASP A 171 -8.97 -18.71 -1.83
CA ASP A 171 -8.09 -17.89 -1.00
C ASP A 171 -8.75 -17.64 0.33
N GLY A 172 -9.98 -17.14 0.26
CA GLY A 172 -10.82 -17.00 1.43
C GLY A 172 -10.79 -18.18 2.36
N PHE A 173 -11.21 -19.35 1.89
CA PHE A 173 -11.34 -20.51 2.77
C PHE A 173 -10.01 -21.06 3.32
N PHE A 174 -9.04 -21.22 2.42
CA PHE A 174 -7.74 -21.79 2.77
C PHE A 174 -6.79 -20.88 3.53
N SER A 175 -6.86 -19.57 3.29
CA SER A 175 -6.09 -18.64 4.10
C SER A 175 -6.61 -18.64 5.54
N SER A 176 -7.92 -18.70 5.67
CA SER A 176 -8.55 -18.78 6.97
C SER A 176 -8.09 -20.01 7.75
N ILE A 177 -8.23 -21.21 7.19
CA ILE A 177 -7.79 -22.39 7.94
C ILE A 177 -6.29 -22.42 8.12
N ARG A 178 -5.53 -21.86 7.19
CA ARG A 178 -4.08 -21.90 7.35
C ARG A 178 -3.77 -21.28 8.71
N LYS A 179 -4.36 -20.11 8.93
CA LYS A 179 -4.21 -19.43 10.22
C LYS A 179 -4.79 -20.28 11.33
N GLU A 180 -5.93 -20.89 11.03
CA GLU A 180 -6.54 -21.90 11.90
C GLU A 180 -5.55 -23.00 12.30
N TYR A 181 -4.88 -23.61 11.32
CA TYR A 181 -3.94 -24.68 11.63
C TYR A 181 -2.79 -24.13 12.45
N SER A 182 -2.34 -22.93 12.10
CA SER A 182 -1.36 -22.20 12.90
C SER A 182 -1.54 -22.45 14.39
N VAL A 183 -2.69 -22.07 14.92
CA VAL A 183 -2.87 -22.06 16.37
C VAL A 183 -3.43 -23.35 16.99
N SER A 184 -3.87 -24.29 16.17
CA SER A 184 -4.17 -25.62 16.66
C SER A 184 -2.95 -26.51 16.45
N ARG A 185 -1.87 -25.87 15.99
CA ARG A 185 -0.56 -26.51 15.80
C ARG A 185 -0.60 -27.74 14.88
N VAL A 186 -1.41 -27.66 13.83
CA VAL A 186 -1.43 -28.67 12.78
C VAL A 186 -0.24 -28.38 11.87
N ASN A 187 0.62 -29.38 11.66
CA ASN A 187 1.78 -29.14 10.81
C ASN A 187 1.59 -29.58 9.35
N VAL A 188 0.45 -29.20 8.78
CA VAL A 188 0.25 -29.34 7.36
C VAL A 188 0.36 -27.94 6.83
N SER A 189 1.14 -27.74 5.79
CA SER A 189 1.25 -26.42 5.23
C SER A 189 0.35 -26.32 4.04
N ILE A 190 -0.02 -25.08 3.74
CA ILE A 190 -0.91 -24.78 2.65
C ILE A 190 -0.27 -23.71 1.78
N THR A 191 -0.15 -24.01 0.49
CA THR A 191 0.38 -23.07 -0.48
C THR A 191 -0.67 -22.73 -1.53
N LEU A 192 -0.83 -21.45 -1.78
CA LEU A 192 -1.82 -20.96 -2.73
C LEU A 192 -1.06 -20.44 -3.95
N CYS A 193 -1.45 -20.86 -5.14
CA CYS A 193 -0.63 -20.53 -6.30
C CYS A 193 -1.32 -19.57 -7.25
N VAL A 194 -0.79 -18.36 -7.31
CA VAL A 194 -1.37 -17.29 -8.10
C VAL A 194 -0.70 -17.22 -9.47
N LEU A 195 -1.42 -17.66 -10.48
CA LEU A 195 -0.81 -17.84 -11.77
C LEU A 195 -1.41 -16.91 -12.80
N GLY A 196 -0.53 -16.25 -13.54
CA GLY A 196 -0.96 -15.58 -14.74
C GLY A 196 -1.16 -16.60 -15.84
N LEU A 197 -1.46 -16.09 -17.04
CA LEU A 197 -1.51 -16.90 -18.24
C LEU A 197 -0.37 -17.92 -18.34
N ILE A 198 -0.72 -19.18 -18.54
CA ILE A 198 0.26 -20.24 -18.78
C ILE A 198 -0.09 -20.85 -20.14
N ASP A 199 0.91 -21.28 -20.89
CA ASP A 199 0.69 -21.75 -22.26
C ASP A 199 0.14 -23.16 -22.36
N THR A 200 -1.08 -23.40 -21.87
CA THR A 200 -1.67 -24.72 -21.91
C THR A 200 -2.63 -24.75 -23.09
N GLU A 201 -2.73 -25.87 -23.78
CA GLU A 201 -3.55 -25.88 -24.99
C GLU A 201 -4.91 -25.28 -24.65
N THR A 202 -5.42 -25.59 -23.47
CA THR A 202 -6.75 -25.12 -23.11
C THR A 202 -6.80 -23.61 -22.86
N ALA A 203 -5.86 -23.12 -22.04
CA ALA A 203 -5.80 -21.69 -21.76
C ALA A 203 -5.80 -20.94 -23.08
N MET A 204 -4.83 -21.32 -23.91
CA MET A 204 -4.61 -20.71 -25.20
C MET A 204 -5.80 -20.84 -26.16
N LYS A 205 -6.50 -21.98 -26.12
CA LYS A 205 -7.67 -22.16 -26.97
C LYS A 205 -8.84 -21.30 -26.50
N ALA A 206 -8.67 -20.65 -25.35
CA ALA A 206 -9.77 -19.97 -24.68
C ALA A 206 -9.77 -18.44 -24.86
N VAL A 207 -8.58 -17.86 -24.67
CA VAL A 207 -8.41 -16.43 -24.63
C VAL A 207 -8.43 -15.75 -26.00
N MET A 213 -1.90 -10.37 -22.24
CA MET A 213 -1.64 -11.67 -22.85
C MET A 213 -0.14 -11.81 -23.12
N GLN A 214 0.47 -12.83 -22.53
CA GLN A 214 1.86 -13.23 -22.80
C GLN A 214 2.27 -14.44 -21.99
N ALA A 215 1.79 -15.61 -22.39
CA ALA A 215 1.93 -16.85 -21.65
C ALA A 215 3.32 -17.23 -21.15
N ALA A 216 3.40 -17.57 -19.86
CA ALA A 216 4.60 -18.20 -19.32
C ALA A 216 4.51 -19.72 -19.56
N PRO A 217 5.67 -20.39 -19.63
CA PRO A 217 5.64 -21.80 -20.05
C PRO A 217 5.12 -22.75 -18.98
N LYS A 218 4.19 -23.62 -19.37
CA LYS A 218 3.55 -24.53 -18.43
C LYS A 218 4.57 -25.36 -17.69
N GLU A 219 5.67 -25.67 -18.37
CA GLU A 219 6.70 -26.54 -17.82
C GLU A 219 7.26 -25.96 -16.54
N GLU A 220 7.50 -24.65 -16.54
CA GLU A 220 8.14 -23.98 -15.40
C GLU A 220 7.12 -23.73 -14.29
N CYS A 221 6.00 -23.17 -14.68
CA CYS A 221 4.89 -23.00 -13.77
C CYS A 221 4.91 -24.18 -12.81
N ALA A 222 4.81 -25.38 -13.38
CA ALA A 222 4.61 -26.60 -12.59
C ALA A 222 5.69 -26.81 -11.56
N LEU A 223 6.94 -26.69 -12.00
CA LEU A 223 8.06 -26.94 -11.11
C LEU A 223 7.97 -25.97 -9.97
N GLU A 224 7.65 -24.72 -10.28
CA GLU A 224 7.59 -23.72 -9.23
C GLU A 224 6.46 -24.08 -8.27
N ILE A 225 5.28 -24.35 -8.84
CA ILE A 225 4.18 -24.81 -8.00
C ILE A 225 4.76 -25.85 -7.06
N ILE A 226 5.31 -26.94 -7.61
CA ILE A 226 5.86 -27.98 -6.76
C ILE A 226 6.89 -27.45 -5.78
N LYS A 227 7.74 -26.52 -6.23
CA LYS A 227 8.77 -25.99 -5.36
C LYS A 227 8.11 -25.26 -4.21
N GLY A 228 7.13 -24.41 -4.56
CA GLY A 228 6.37 -23.67 -3.57
C GLY A 228 5.87 -24.56 -2.44
N GLY A 229 5.09 -25.57 -2.80
CA GLY A 229 4.59 -26.53 -1.82
C GLY A 229 5.71 -27.26 -1.09
N ALA A 230 6.75 -27.61 -1.84
CA ALA A 230 7.93 -28.24 -1.26
C ALA A 230 8.48 -27.37 -0.14
N LEU A 231 8.71 -26.09 -0.45
CA LEU A 231 9.31 -25.16 0.51
C LEU A 231 8.28 -24.55 1.47
N ARG A 232 7.09 -25.14 1.50
CA ARG A 232 6.04 -24.78 2.46
C ARG A 232 5.74 -23.28 2.56
N GLN A 233 5.73 -22.61 1.40
CA GLN A 233 5.45 -21.17 1.34
C GLN A 233 3.96 -20.88 1.34
N GLU A 234 3.58 -19.84 2.08
CA GLU A 234 2.17 -19.42 2.10
C GLU A 234 1.61 -19.08 0.70
N GLU A 235 2.42 -18.44 -0.15
CA GLU A 235 2.01 -18.12 -1.53
C GLU A 235 3.12 -18.27 -2.56
N VAL A 236 2.76 -18.76 -3.73
CA VAL A 236 3.65 -18.75 -4.88
C VAL A 236 2.99 -17.91 -5.96
N TYR A 237 3.75 -17.00 -6.55
CA TYR A 237 3.26 -16.19 -7.65
C TYR A 237 4.07 -16.58 -8.84
N TYR A 238 3.44 -16.65 -10.00
CA TYR A 238 4.17 -16.98 -11.21
C TYR A 238 3.44 -16.44 -12.41
N ASP A 239 4.19 -15.71 -13.23
CA ASP A 239 3.62 -14.99 -14.33
C ASP A 239 4.81 -14.59 -15.20
N SER A 240 4.56 -14.45 -16.49
CA SER A 240 5.61 -14.08 -17.41
C SER A 240 5.75 -12.57 -17.40
N SER A 241 5.97 -12.00 -16.22
CA SER A 241 6.18 -10.57 -16.11
C SER A 241 6.59 -10.21 -14.70
N LEU A 242 7.89 -10.21 -14.44
CA LEU A 242 8.43 -9.82 -13.14
C LEU A 242 7.63 -8.64 -12.57
N TRP A 243 7.26 -7.72 -13.44
CA TRP A 243 6.54 -6.51 -13.05
C TRP A 243 5.27 -6.87 -12.27
N THR A 244 4.41 -7.65 -12.91
CA THR A 244 3.18 -8.13 -12.32
C THR A 244 3.43 -8.89 -11.02
N THR A 245 4.40 -9.80 -11.04
CA THR A 245 4.68 -10.60 -9.86
C THR A 245 5.07 -9.75 -8.66
N LEU A 246 5.36 -8.48 -8.90
CA LEU A 246 5.74 -7.57 -7.83
C LEU A 246 4.53 -6.81 -7.31
N LEU A 247 3.54 -6.67 -8.20
CA LEU A 247 2.31 -5.97 -7.88
C LEU A 247 1.30 -6.91 -7.24
N ILE A 248 1.69 -8.16 -7.10
CA ILE A 248 0.76 -9.20 -6.71
C ILE A 248 0.55 -9.23 -5.21
N ARG A 249 1.64 -9.05 -4.46
CA ARG A 249 1.62 -9.10 -3.02
C ARG A 249 0.78 -7.97 -2.44
N ASN A 250 0.17 -8.22 -1.28
CA ASN A 250 -0.58 -7.18 -0.59
C ASN A 250 -0.14 -6.98 0.86
N PRO A 251 0.78 -6.03 1.06
CA PRO A 251 1.33 -5.66 2.36
C PRO A 251 0.26 -5.20 3.36
N SER A 252 -0.67 -4.37 2.93
CA SER A 252 -1.74 -3.95 3.83
C SER A 252 -2.33 -5.19 4.51
N ARG A 253 -2.79 -6.14 3.70
CA ARG A 253 -3.45 -7.37 4.15
C ARG A 253 -2.67 -8.18 5.18
N LYS A 254 -1.38 -8.38 4.94
CA LYS A 254 -0.53 -9.05 5.93
C LYS A 254 -0.53 -8.21 7.21
N ILE A 255 -0.52 -6.90 7.05
CA ILE A 255 -0.50 -5.99 8.19
C ILE A 255 -1.74 -6.20 9.09
N LEU A 256 -2.95 -6.00 8.55
CA LEU A 256 -4.12 -6.06 9.41
C LEU A 256 -4.48 -7.47 9.80
N GLU A 257 -3.94 -8.44 9.07
CA GLU A 257 -4.14 -9.83 9.42
C GLU A 257 -3.40 -10.09 10.71
N PHE A 258 -2.23 -9.47 10.83
CA PHE A 258 -1.37 -9.74 11.97
C PHE A 258 -1.53 -8.68 13.06
N LEU A 259 -2.25 -7.61 12.73
CA LEU A 259 -2.77 -6.71 13.75
C LEU A 259 -3.87 -7.43 14.50
N TYR A 260 -4.97 -7.67 13.81
CA TYR A 260 -6.11 -8.39 14.35
C TYR A 260 -5.75 -9.81 14.80
N SER A 261 -4.50 -10.19 14.58
CA SER A 261 -3.98 -11.50 14.97
C SER A 261 -3.99 -11.73 16.48
N THR A 262 -4.50 -10.76 17.24
CA THR A 262 -4.46 -10.82 18.70
C THR A 262 -5.85 -10.77 19.34
N SER A 263 -6.85 -10.43 18.53
CA SER A 263 -8.20 -10.21 19.02
C SER A 263 -8.93 -11.50 19.38
N TYR A 264 -8.19 -12.56 19.67
CA TYR A 264 -8.81 -13.87 19.91
C TYR A 264 -7.94 -14.87 20.67
N ASN A 265 -8.59 -15.71 21.48
CA ASN A 265 -7.95 -16.85 22.12
C ASN A 265 -8.75 -18.15 21.90
N MET A 266 -8.06 -19.19 21.45
CA MET A 266 -8.71 -20.41 20.96
C MET A 266 -8.57 -21.58 21.93
N ASP A 267 -9.01 -21.37 23.16
CA ASP A 267 -8.76 -22.36 24.21
C ASP A 267 -9.97 -23.26 24.48
N ARG A 268 -11.17 -22.77 24.17
CA ARG A 268 -12.38 -23.58 24.26
C ARG A 268 -12.27 -24.82 23.37
N PHE A 269 -11.06 -25.07 22.86
CA PHE A 269 -10.83 -26.11 21.87
C PHE A 269 -9.73 -27.08 22.30
N GLN B 1 -17.63 4.97 -10.94
CA GLN B 1 -17.58 6.45 -10.73
C GLN B 1 -18.75 6.95 -9.86
N PRO B 2 -18.49 7.21 -8.57
CA PRO B 2 -19.49 7.76 -7.64
C PRO B 2 -19.92 9.15 -8.06
N LEU B 3 -21.16 9.52 -7.74
CA LEU B 3 -21.73 10.80 -8.18
C LEU B 3 -20.98 12.01 -7.59
N ASN B 4 -20.08 12.60 -8.37
CA ASN B 4 -19.36 13.77 -7.89
C ASN B 4 -20.29 14.86 -7.38
N GLU B 5 -20.29 15.02 -6.07
CA GLU B 5 -21.21 15.87 -5.33
C GLU B 5 -21.60 15.08 -4.09
N GLU B 6 -22.25 15.73 -3.13
CA GLU B 6 -22.38 15.14 -1.80
C GLU B 6 -23.78 14.67 -1.43
N PHE B 7 -23.82 13.72 -0.50
CA PHE B 7 -25.04 13.01 -0.19
C PHE B 7 -26.09 13.89 0.46
N ARG B 8 -27.33 13.74 0.00
CA ARG B 8 -28.46 14.31 0.71
C ARG B 8 -29.58 13.30 0.79
N PRO B 9 -30.19 13.18 1.97
CA PRO B 9 -31.23 12.23 2.35
C PRO B 9 -32.33 12.10 1.33
N GLU B 10 -32.56 13.15 0.55
CA GLU B 10 -33.67 13.18 -0.40
C GLU B 10 -33.36 12.39 -1.68
N MET B 11 -32.07 12.13 -1.91
CA MET B 11 -31.64 11.26 -3.01
C MET B 11 -32.48 9.97 -3.03
N LEU B 12 -32.96 9.57 -1.84
CA LEU B 12 -33.67 8.30 -1.66
C LEU B 12 -35.19 8.41 -1.67
N GLN B 13 -35.72 9.59 -1.40
CA GLN B 13 -37.17 9.77 -1.38
C GLN B 13 -37.78 9.34 -2.73
N GLY B 14 -38.82 8.52 -2.67
CA GLY B 14 -39.43 8.01 -3.89
C GLY B 14 -38.74 6.79 -4.49
N LYS B 15 -37.50 6.50 -4.09
CA LYS B 15 -36.77 5.36 -4.66
C LYS B 15 -37.28 4.00 -4.14
N LYS B 16 -37.44 3.06 -5.08
CA LYS B 16 -37.93 1.74 -4.75
C LYS B 16 -36.76 0.82 -4.38
N VAL B 17 -36.66 0.49 -3.10
CA VAL B 17 -35.54 -0.31 -2.60
C VAL B 17 -35.91 -1.63 -1.97
N ILE B 18 -35.28 -2.69 -2.43
CA ILE B 18 -35.39 -3.99 -1.78
C ILE B 18 -34.29 -3.99 -0.77
N VAL B 19 -34.55 -4.59 0.39
CA VAL B 19 -33.51 -4.85 1.36
C VAL B 19 -33.75 -6.29 1.77
N THR B 20 -32.70 -7.12 1.77
CA THR B 20 -32.81 -8.50 2.23
C THR B 20 -32.18 -8.67 3.62
N GLY B 21 -32.44 -9.82 4.24
CA GLY B 21 -32.00 -10.05 5.61
C GLY B 21 -32.31 -8.83 6.46
N ALA B 22 -33.52 -8.32 6.30
CA ALA B 22 -33.87 -7.00 6.79
C ALA B 22 -34.77 -7.08 8.04
N SER B 23 -34.70 -8.20 8.74
CA SER B 23 -35.52 -8.41 9.93
C SER B 23 -34.75 -8.13 11.24
N LYS B 24 -33.42 -8.17 11.17
CA LYS B 24 -32.58 -7.88 12.33
C LYS B 24 -31.50 -6.90 11.92
N GLY B 25 -30.53 -6.67 12.80
CA GLY B 25 -29.34 -5.91 12.49
C GLY B 25 -29.34 -4.85 11.42
N ILE B 26 -28.17 -4.70 10.80
CA ILE B 26 -27.91 -3.67 9.80
C ILE B 26 -29.06 -3.55 8.82
N GLY B 27 -29.69 -4.68 8.56
CA GLY B 27 -30.72 -4.76 7.54
C GLY B 27 -31.95 -4.02 7.98
N ARG B 28 -32.35 -4.23 9.24
CA ARG B 28 -33.47 -3.51 9.79
C ARG B 28 -33.15 -2.02 9.73
N GLU B 29 -32.06 -1.65 10.39
CA GLU B 29 -31.59 -0.29 10.36
C GLU B 29 -31.59 0.30 8.96
N MET B 30 -31.41 -0.52 7.93
CA MET B 30 -31.37 0.08 6.61
C MET B 30 -32.79 0.41 6.17
N ALA B 31 -33.70 -0.49 6.51
CA ALA B 31 -35.11 -0.33 6.20
C ALA B 31 -35.61 0.96 6.81
N TYR B 32 -35.51 1.03 8.13
CA TYR B 32 -35.77 2.26 8.87
C TYR B 32 -35.23 3.51 8.20
N HIS B 33 -33.92 3.63 8.06
CA HIS B 33 -33.42 4.84 7.44
C HIS B 33 -34.21 5.11 6.18
N LEU B 34 -34.31 4.13 5.29
CA LEU B 34 -34.98 4.37 4.00
C LEU B 34 -36.40 4.86 4.21
N ALA B 35 -37.00 4.38 5.30
CA ALA B 35 -38.33 4.77 5.72
C ALA B 35 -38.36 6.28 5.99
N LYS B 36 -37.39 6.74 6.76
CA LYS B 36 -37.27 8.15 7.06
C LYS B 36 -37.19 8.95 5.77
N MET B 37 -36.34 8.49 4.86
CA MET B 37 -36.11 9.25 3.65
C MET B 37 -37.29 9.20 2.66
N GLY B 38 -38.35 8.50 3.02
CA GLY B 38 -39.54 8.42 2.18
C GLY B 38 -39.48 7.44 1.02
N ALA B 39 -38.61 6.43 1.14
CA ALA B 39 -38.45 5.42 0.10
C ALA B 39 -39.58 4.40 0.14
N HIS B 40 -39.84 3.75 -1.00
CA HIS B 40 -40.69 2.57 -1.04
C HIS B 40 -39.80 1.44 -0.57
N VAL B 41 -40.32 0.52 0.21
CA VAL B 41 -39.44 -0.50 0.77
C VAL B 41 -40.06 -1.87 0.79
N VAL B 42 -39.25 -2.87 0.44
CA VAL B 42 -39.68 -4.25 0.57
C VAL B 42 -38.56 -5.03 1.23
N VAL B 43 -38.81 -5.39 2.49
CA VAL B 43 -37.89 -6.16 3.28
C VAL B 43 -38.26 -7.62 3.14
N THR B 44 -37.37 -8.50 3.58
CA THR B 44 -37.59 -9.94 3.51
C THR B 44 -36.61 -10.64 4.39
N ALA B 45 -36.92 -11.89 4.72
CA ALA B 45 -36.18 -12.68 5.69
C ALA B 45 -37.08 -13.87 5.97
N ARG B 46 -36.78 -14.67 6.98
CA ARG B 46 -37.60 -15.88 7.17
C ARG B 46 -38.75 -15.65 8.15
N SER B 47 -38.44 -15.13 9.34
CA SER B 47 -39.44 -14.87 10.38
C SER B 47 -40.37 -13.70 10.00
N LYS B 48 -41.58 -14.02 9.57
CA LYS B 48 -42.53 -12.98 9.19
C LYS B 48 -42.95 -12.17 10.40
N GLU B 49 -43.09 -12.80 11.56
CA GLU B 49 -43.50 -12.08 12.76
C GLU B 49 -42.67 -10.81 12.91
N THR B 50 -41.35 -10.96 12.92
CA THR B 50 -40.45 -9.83 13.13
C THR B 50 -40.43 -8.92 11.91
N LEU B 51 -40.66 -9.50 10.72
CA LEU B 51 -40.73 -8.72 9.50
C LEU B 51 -41.97 -7.82 9.53
N GLN B 52 -43.01 -8.26 10.24
CA GLN B 52 -44.19 -7.41 10.36
C GLN B 52 -43.90 -6.17 11.22
N LYS B 53 -43.23 -6.34 12.35
CA LYS B 53 -42.82 -5.19 13.18
C LYS B 53 -42.06 -4.13 12.36
N VAL B 54 -41.11 -4.61 11.56
CA VAL B 54 -40.30 -3.74 10.74
C VAL B 54 -41.18 -2.96 9.79
N VAL B 55 -42.09 -3.67 9.11
CA VAL B 55 -42.98 -3.04 8.14
C VAL B 55 -43.84 -1.97 8.81
N SER B 56 -44.16 -2.19 10.07
CA SER B 56 -44.98 -1.25 10.80
C SER B 56 -44.17 -0.01 10.99
N HIS B 57 -43.00 -0.18 11.58
CA HIS B 57 -42.17 0.95 11.95
C HIS B 57 -41.80 1.81 10.75
N CYS B 58 -41.49 1.17 9.63
CA CYS B 58 -41.20 1.88 8.38
C CYS B 58 -42.39 2.74 7.89
N LEU B 59 -43.60 2.20 8.00
CA LEU B 59 -44.81 2.95 7.66
C LEU B 59 -45.02 4.12 8.63
N GLU B 60 -45.02 3.85 9.94
CA GLU B 60 -45.06 4.95 10.91
C GLU B 60 -43.96 5.95 10.61
N LEU B 61 -42.79 5.43 10.23
CA LEU B 61 -41.61 6.29 10.10
C LEU B 61 -41.62 7.14 8.84
N GLY B 62 -42.47 6.78 7.89
CA GLY B 62 -42.64 7.62 6.69
C GLY B 62 -42.36 6.98 5.33
N ALA B 63 -42.20 5.68 5.26
CA ALA B 63 -42.00 5.07 3.95
C ALA B 63 -43.10 5.53 3.02
N ALA B 64 -42.79 5.66 1.74
CA ALA B 64 -43.83 5.95 0.76
C ALA B 64 -44.70 4.71 0.56
N SER B 65 -44.24 3.60 1.15
CA SER B 65 -44.79 2.29 0.84
C SER B 65 -43.90 1.33 1.58
N ALA B 66 -44.43 0.20 2.02
CA ALA B 66 -43.61 -0.77 2.75
C ALA B 66 -44.26 -2.15 2.86
N HIS B 67 -43.59 -3.15 2.32
CA HIS B 67 -44.01 -4.54 2.52
C HIS B 67 -42.87 -5.47 2.95
N TYR B 68 -43.26 -6.69 3.29
CA TYR B 68 -42.33 -7.77 3.51
C TYR B 68 -42.87 -8.96 2.73
N ILE B 69 -41.97 -9.90 2.44
CA ILE B 69 -42.31 -11.17 1.81
C ILE B 69 -41.32 -12.12 2.45
N ALA B 70 -41.82 -13.06 3.23
CA ALA B 70 -40.93 -13.92 4.03
C ALA B 70 -40.50 -15.14 3.23
N GLY B 71 -39.31 -15.64 3.53
CA GLY B 71 -38.80 -16.81 2.85
C GLY B 71 -37.31 -16.99 3.10
N THR B 72 -36.85 -18.24 2.98
CA THR B 72 -35.43 -18.56 3.14
C THR B 72 -34.68 -18.50 1.81
N MET B 73 -33.56 -17.81 1.82
CA MET B 73 -32.70 -17.72 0.64
C MET B 73 -31.92 -19.02 0.39
N GLU B 74 -32.30 -20.10 1.06
CA GLU B 74 -31.79 -21.41 0.72
C GLU B 74 -32.48 -21.89 -0.55
N ASP B 75 -33.58 -21.24 -0.87
CA ASP B 75 -34.44 -21.67 -1.96
C ASP B 75 -34.38 -20.69 -3.12
N MET B 76 -33.62 -21.08 -4.13
CA MET B 76 -33.35 -20.21 -5.25
C MET B 76 -34.62 -19.83 -5.99
N THR B 77 -35.62 -20.70 -5.94
CA THR B 77 -36.87 -20.39 -6.63
C THR B 77 -37.46 -19.14 -5.98
N PHE B 78 -37.56 -19.19 -4.66
CA PHE B 78 -38.06 -18.08 -3.89
C PHE B 78 -37.27 -16.80 -4.15
N ALA B 79 -35.96 -16.88 -3.96
CA ALA B 79 -35.17 -15.70 -4.12
C ALA B 79 -35.58 -15.06 -5.44
N GLU B 80 -35.81 -15.88 -6.45
CA GLU B 80 -36.14 -15.39 -7.79
C GLU B 80 -37.57 -14.83 -7.90
N GLN B 81 -38.53 -15.53 -7.30
CA GLN B 81 -39.91 -15.03 -7.28
C GLN B 81 -39.99 -13.68 -6.55
N PHE B 82 -39.42 -13.67 -5.34
CA PHE B 82 -39.33 -12.47 -4.51
C PHE B 82 -39.15 -11.19 -5.31
N VAL B 83 -38.03 -11.10 -6.01
CA VAL B 83 -37.72 -9.92 -6.80
C VAL B 83 -38.88 -9.58 -7.71
N ALA B 84 -39.42 -10.58 -8.39
CA ALA B 84 -40.54 -10.35 -9.28
C ALA B 84 -41.66 -9.74 -8.46
N GLN B 85 -41.93 -10.33 -7.30
CA GLN B 85 -43.05 -9.90 -6.48
C GLN B 85 -42.82 -8.50 -5.95
N ALA B 86 -41.59 -8.24 -5.55
CA ALA B 86 -41.23 -6.95 -4.99
C ALA B 86 -41.33 -5.88 -6.09
N GLY B 87 -40.92 -6.24 -7.29
CA GLY B 87 -41.02 -5.33 -8.41
C GLY B 87 -42.47 -5.02 -8.64
N LYS B 88 -43.29 -6.07 -8.64
CA LYS B 88 -44.72 -5.91 -8.77
C LYS B 88 -45.24 -4.87 -7.77
N LEU B 89 -44.82 -4.99 -6.51
CA LEU B 89 -45.34 -4.12 -5.45
C LEU B 89 -44.89 -2.66 -5.49
N MET B 90 -43.88 -2.37 -6.32
CA MET B 90 -43.35 -1.00 -6.37
C MET B 90 -43.31 -0.43 -7.78
N GLY B 91 -43.71 -1.23 -8.77
CA GLY B 91 -43.61 -0.82 -10.18
C GLY B 91 -42.18 -0.52 -10.63
N GLY B 92 -41.24 -1.36 -10.23
CA GLY B 92 -39.85 -1.17 -10.64
C GLY B 92 -38.90 -1.18 -9.46
N LEU B 93 -37.63 -0.89 -9.73
CA LEU B 93 -36.60 -0.98 -8.70
C LEU B 93 -35.35 -0.13 -8.99
N ASP B 94 -34.91 0.61 -7.98
CA ASP B 94 -33.77 1.49 -8.13
C ASP B 94 -32.55 0.96 -7.37
N MET B 95 -32.80 0.18 -6.32
CA MET B 95 -31.69 -0.33 -5.55
C MET B 95 -31.98 -1.66 -4.84
N LEU B 96 -31.02 -2.57 -4.95
CA LEU B 96 -31.14 -3.90 -4.40
C LEU B 96 -30.13 -4.01 -3.28
N ILE B 97 -30.59 -4.15 -2.03
CA ILE B 97 -29.63 -4.32 -0.94
C ILE B 97 -29.44 -5.77 -0.51
N LEU B 98 -28.33 -6.35 -0.95
CA LEU B 98 -28.00 -7.75 -0.65
C LEU B 98 -27.23 -7.85 0.64
N ASN B 99 -27.84 -8.48 1.62
CA ASN B 99 -27.42 -8.31 3.00
C ASN B 99 -27.50 -9.56 3.90
N HIS B 100 -28.47 -10.44 3.65
CA HIS B 100 -28.66 -11.63 4.51
C HIS B 100 -27.47 -12.58 4.48
N ILE B 101 -27.37 -13.42 5.51
CA ILE B 101 -26.39 -14.51 5.58
C ILE B 101 -26.98 -15.66 6.40
N THR B 102 -26.47 -16.87 6.21
CA THR B 102 -26.89 -18.00 7.04
C THR B 102 -26.33 -17.91 8.46
N ASN B 103 -27.07 -18.43 9.43
CA ASN B 103 -26.56 -18.47 10.80
C ASN B 103 -25.26 -19.26 10.83
N THR B 104 -24.28 -18.71 11.53
CA THR B 104 -22.95 -19.30 11.58
C THR B 104 -22.34 -18.94 12.91
N SER B 105 -21.31 -19.67 13.34
CA SER B 105 -20.72 -19.44 14.65
C SER B 105 -19.22 -19.70 14.68
N LEU B 106 -18.49 -18.93 15.48
CA LEU B 106 -17.05 -19.08 15.59
C LEU B 106 -16.63 -20.50 15.95
N ASN B 107 -15.99 -21.16 15.00
CA ASN B 107 -15.55 -22.52 15.18
C ASN B 107 -14.36 -22.82 14.29
N LEU B 108 -13.52 -23.75 14.73
CA LEU B 108 -12.48 -24.27 13.89
C LEU B 108 -13.22 -25.09 12.88
N PHE B 109 -12.71 -25.14 11.65
CA PHE B 109 -13.30 -26.02 10.66
C PHE B 109 -12.75 -27.43 10.81
N HIS B 110 -13.60 -28.43 10.59
CA HIS B 110 -13.23 -29.83 10.79
C HIS B 110 -13.63 -30.72 9.61
N ASP B 111 -14.93 -30.89 9.43
CA ASP B 111 -15.45 -31.73 8.36
C ASP B 111 -16.89 -31.40 8.02
N ASP B 112 -17.28 -30.15 8.25
CA ASP B 112 -18.67 -29.71 8.09
C ASP B 112 -18.91 -29.15 6.69
N ILE B 113 -18.83 -30.03 5.70
CA ILE B 113 -18.94 -29.66 4.30
C ILE B 113 -20.30 -29.02 4.03
N HIS B 114 -21.28 -29.38 4.84
CA HIS B 114 -22.64 -28.87 4.66
C HIS B 114 -22.67 -27.39 5.02
N HIS B 115 -21.99 -27.06 6.10
CA HIS B 115 -22.00 -25.69 6.55
C HIS B 115 -21.43 -24.86 5.40
N VAL B 116 -20.33 -25.37 4.84
CA VAL B 116 -19.62 -24.75 3.73
C VAL B 116 -20.50 -24.65 2.50
N ARG B 117 -21.26 -25.70 2.19
CA ARG B 117 -22.20 -25.58 1.07
C ARG B 117 -23.34 -24.59 1.31
N LYS B 118 -23.91 -24.62 2.51
CA LYS B 118 -25.01 -23.73 2.84
C LYS B 118 -24.58 -22.24 2.73
N SER B 119 -23.38 -21.95 3.24
CA SER B 119 -22.83 -20.62 3.15
C SER B 119 -22.65 -20.17 1.70
N MET B 120 -22.09 -21.02 0.85
CA MET B 120 -21.92 -20.60 -0.52
C MET B 120 -23.29 -20.42 -1.13
N GLU B 121 -24.22 -21.28 -0.76
CA GLU B 121 -25.57 -21.17 -1.29
C GLU B 121 -26.22 -19.87 -0.85
N VAL B 122 -26.24 -19.65 0.46
CA VAL B 122 -27.02 -18.55 1.02
C VAL B 122 -26.33 -17.18 0.94
N ASN B 123 -25.04 -17.12 1.28
CA ASN B 123 -24.34 -15.85 1.32
C ASN B 123 -23.78 -15.40 -0.02
N PHE B 124 -23.71 -16.32 -0.98
CA PHE B 124 -23.16 -16.02 -2.29
C PHE B 124 -24.13 -16.31 -3.44
N LEU B 125 -24.38 -17.59 -3.70
CA LEU B 125 -25.24 -17.90 -4.85
C LEU B 125 -26.60 -17.19 -4.85
N SER B 126 -27.28 -17.14 -3.71
CA SER B 126 -28.57 -16.42 -3.73
C SER B 126 -28.38 -14.95 -4.18
N TYR B 127 -27.32 -14.32 -3.70
CA TYR B 127 -27.04 -12.97 -4.12
C TYR B 127 -27.07 -12.90 -5.64
N VAL B 128 -26.47 -13.89 -6.28
CA VAL B 128 -26.38 -13.90 -7.74
C VAL B 128 -27.76 -14.09 -8.37
N VAL B 129 -28.55 -14.99 -7.81
CA VAL B 129 -29.90 -15.20 -8.33
C VAL B 129 -30.71 -13.94 -8.20
N LEU B 130 -30.75 -13.39 -6.99
CA LEU B 130 -31.46 -12.12 -6.75
C LEU B 130 -30.98 -11.07 -7.76
N THR B 131 -29.67 -10.96 -7.93
CA THR B 131 -29.15 -9.96 -8.84
C THR B 131 -29.64 -10.19 -10.26
N VAL B 132 -29.47 -11.40 -10.78
CA VAL B 132 -29.98 -11.71 -12.11
C VAL B 132 -31.43 -11.28 -12.29
N ALA B 133 -32.25 -11.58 -11.29
CA ALA B 133 -33.68 -11.24 -11.32
C ALA B 133 -33.96 -9.74 -11.31
N ALA B 134 -33.12 -8.96 -10.64
CA ALA B 134 -33.29 -7.49 -10.60
C ALA B 134 -32.70 -6.74 -11.80
N LEU B 135 -31.60 -7.25 -12.33
CA LEU B 135 -30.90 -6.50 -13.38
C LEU B 135 -31.90 -5.87 -14.35
N PRO B 136 -32.89 -6.64 -14.80
CA PRO B 136 -33.72 -6.07 -15.85
C PRO B 136 -34.46 -4.81 -15.40
N MET B 137 -34.82 -4.71 -14.11
CA MET B 137 -35.45 -3.50 -13.61
C MET B 137 -34.42 -2.42 -13.34
N LEU B 138 -33.45 -2.74 -12.49
CA LEU B 138 -32.35 -1.84 -12.26
C LEU B 138 -31.90 -1.21 -13.58
N LYS B 139 -31.72 -2.02 -14.62
CA LYS B 139 -31.32 -1.42 -15.87
C LYS B 139 -32.21 -0.22 -16.16
N GLN B 140 -33.51 -0.39 -16.01
CA GLN B 140 -34.48 0.60 -16.47
C GLN B 140 -34.43 1.93 -15.71
N SER B 141 -33.92 1.87 -14.48
CA SER B 141 -33.93 3.00 -13.58
C SER B 141 -32.51 3.45 -13.32
N ASN B 142 -31.60 2.93 -14.12
CA ASN B 142 -30.18 3.13 -13.89
C ASN B 142 -29.87 2.98 -12.41
N GLY B 143 -30.45 1.93 -11.83
CA GLY B 143 -30.34 1.68 -10.41
C GLY B 143 -28.99 1.18 -9.93
N SER B 144 -29.00 0.60 -8.74
CA SER B 144 -27.78 0.24 -8.04
C SER B 144 -27.90 -1.08 -7.27
N ILE B 145 -26.79 -1.80 -7.22
CA ILE B 145 -26.74 -3.02 -6.42
C ILE B 145 -25.78 -2.79 -5.29
N VAL B 146 -26.24 -3.18 -4.11
CA VAL B 146 -25.46 -3.00 -2.92
C VAL B 146 -25.26 -4.36 -2.28
N VAL B 147 -24.00 -4.73 -2.10
CA VAL B 147 -23.65 -6.05 -1.60
C VAL B 147 -22.96 -5.85 -0.27
N VAL B 148 -23.39 -6.58 0.73
CA VAL B 148 -22.83 -6.35 2.05
C VAL B 148 -21.80 -7.39 2.41
N SER B 149 -20.57 -6.96 2.64
CA SER B 149 -19.51 -7.91 2.94
C SER B 149 -18.78 -7.57 4.24
N SER B 150 -17.69 -8.29 4.50
CA SER B 150 -16.95 -8.14 5.74
C SER B 150 -15.48 -7.98 5.43
N LEU B 151 -14.70 -7.61 6.45
CA LEU B 151 -13.25 -7.62 6.35
C LEU B 151 -12.77 -9.05 6.23
N ALA B 152 -13.54 -9.97 6.80
CA ALA B 152 -13.21 -11.38 6.67
C ALA B 152 -13.35 -11.78 5.21
N GLY B 153 -13.80 -10.84 4.39
CA GLY B 153 -13.97 -11.08 2.97
C GLY B 153 -12.90 -10.35 2.19
N LYS B 154 -11.89 -9.85 2.91
CA LYS B 154 -10.72 -9.23 2.28
C LYS B 154 -9.42 -9.74 2.86
N VAL B 155 -9.44 -10.13 4.12
CA VAL B 155 -8.24 -10.68 4.75
C VAL B 155 -8.60 -11.95 5.48
N ALA B 156 -7.67 -12.89 5.55
CA ALA B 156 -7.97 -14.16 6.20
C ALA B 156 -8.30 -13.91 7.66
N TYR B 157 -8.91 -14.90 8.30
CA TYR B 157 -9.23 -14.85 9.73
C TYR B 157 -9.67 -16.27 10.16
N PRO B 158 -9.18 -16.76 11.31
CA PRO B 158 -9.58 -18.13 11.69
C PRO B 158 -10.99 -18.19 12.27
N MET B 159 -11.63 -19.36 12.26
CA MET B 159 -12.96 -19.58 12.88
C MET B 159 -14.13 -19.21 11.99
N VAL B 160 -13.86 -18.69 10.81
CA VAL B 160 -14.92 -18.20 9.95
C VAL B 160 -14.65 -18.56 8.49
N ALA B 161 -13.99 -19.71 8.31
CA ALA B 161 -13.56 -20.12 6.97
C ALA B 161 -14.70 -20.20 5.99
N ALA B 162 -15.76 -20.91 6.32
CA ALA B 162 -16.92 -20.99 5.40
C ALA B 162 -17.49 -19.59 5.15
N TYR B 163 -17.51 -18.78 6.20
CA TYR B 163 -18.09 -17.47 6.08
C TYR B 163 -17.21 -16.67 5.14
N SER B 164 -15.91 -16.74 5.40
CA SER B 164 -14.94 -15.98 4.69
C SER B 164 -14.90 -16.36 3.20
N ALA B 165 -14.99 -17.66 2.92
CA ALA B 165 -14.97 -18.11 1.54
C ALA B 165 -16.06 -17.45 0.73
N SER B 166 -17.22 -17.29 1.37
CA SER B 166 -18.39 -16.84 0.64
C SER B 166 -18.34 -15.34 0.45
N LYS B 167 -17.68 -14.64 1.37
CA LYS B 167 -17.62 -13.19 1.28
C LYS B 167 -16.58 -12.82 0.23
N PHE B 168 -15.43 -13.49 0.29
CA PHE B 168 -14.43 -13.42 -0.77
C PHE B 168 -15.15 -13.72 -2.07
N ALA B 169 -15.95 -14.76 -2.03
CA ALA B 169 -16.62 -15.17 -3.22
C ALA B 169 -17.37 -13.97 -3.83
N LEU B 170 -18.04 -13.17 -3.01
CA LEU B 170 -18.77 -12.01 -3.51
C LEU B 170 -17.86 -11.01 -4.22
N ASP B 171 -16.66 -10.80 -3.68
CA ASP B 171 -15.78 -9.79 -4.20
C ASP B 171 -15.41 -10.15 -5.64
N GLY B 172 -14.93 -11.37 -5.82
CA GLY B 172 -14.55 -11.86 -7.12
C GLY B 172 -15.69 -11.83 -8.08
N PHE B 173 -16.88 -12.23 -7.63
CA PHE B 173 -18.00 -12.21 -8.56
C PHE B 173 -18.52 -10.80 -8.89
N PHE B 174 -18.85 -10.01 -7.87
CA PHE B 174 -19.37 -8.69 -8.20
C PHE B 174 -18.34 -7.70 -8.78
N SER B 175 -17.08 -7.87 -8.42
CA SER B 175 -16.06 -7.02 -8.98
C SER B 175 -15.81 -7.35 -10.44
N SER B 176 -16.18 -8.55 -10.88
CA SER B 176 -15.92 -8.92 -12.24
C SER B 176 -17.12 -8.56 -13.07
N ILE B 177 -18.30 -8.71 -12.48
CA ILE B 177 -19.48 -8.20 -13.16
C ILE B 177 -19.35 -6.68 -13.26
N ARG B 178 -18.77 -6.06 -12.23
CA ARG B 178 -18.63 -4.61 -12.29
C ARG B 178 -17.91 -4.22 -13.58
N LYS B 179 -16.67 -4.66 -13.74
CA LYS B 179 -16.00 -4.42 -14.99
C LYS B 179 -16.93 -4.72 -16.16
N GLU B 180 -17.46 -5.93 -16.20
CA GLU B 180 -18.30 -6.28 -17.33
C GLU B 180 -19.32 -5.22 -17.67
N TYR B 181 -19.84 -4.53 -16.66
CA TYR B 181 -20.86 -3.53 -16.93
C TYR B 181 -20.27 -2.29 -17.61
N SER B 182 -19.06 -1.90 -17.18
CA SER B 182 -18.32 -0.82 -17.82
C SER B 182 -18.22 -1.05 -19.32
N VAL B 183 -17.54 -2.13 -19.70
CA VAL B 183 -17.40 -2.44 -21.11
C VAL B 183 -18.76 -2.57 -21.82
N SER B 184 -19.63 -3.45 -21.34
CA SER B 184 -20.93 -3.63 -21.97
C SER B 184 -21.76 -2.36 -21.86
N ARG B 185 -21.18 -1.35 -21.21
CA ARG B 185 -21.89 -0.10 -20.94
C ARG B 185 -23.24 -0.25 -20.23
N VAL B 186 -23.34 -1.19 -19.29
CA VAL B 186 -24.54 -1.30 -18.45
C VAL B 186 -24.37 -0.23 -17.40
N ASN B 187 -25.43 0.53 -17.08
CA ASN B 187 -25.32 1.56 -16.04
C ASN B 187 -26.07 1.25 -14.74
N VAL B 188 -25.58 0.24 -14.04
CA VAL B 188 -26.08 -0.06 -12.73
C VAL B 188 -24.89 -0.11 -11.82
N SER B 189 -24.89 0.70 -10.78
CA SER B 189 -23.73 0.75 -9.93
C SER B 189 -23.71 -0.55 -9.16
N ILE B 190 -22.54 -0.90 -8.67
CA ILE B 190 -22.37 -2.04 -7.82
C ILE B 190 -21.42 -1.64 -6.72
N THR B 191 -21.93 -1.68 -5.49
CA THR B 191 -21.22 -1.18 -4.34
C THR B 191 -20.92 -2.33 -3.42
N LEU B 192 -19.64 -2.56 -3.14
CA LEU B 192 -19.27 -3.63 -2.22
C LEU B 192 -19.00 -3.00 -0.87
N CYS B 193 -19.69 -3.44 0.17
CA CYS B 193 -19.50 -2.89 1.51
C CYS B 193 -18.61 -3.76 2.37
N VAL B 194 -17.48 -3.23 2.82
CA VAL B 194 -16.55 -4.01 3.63
C VAL B 194 -16.57 -3.62 5.09
N LEU B 195 -17.28 -4.34 5.94
CA LEU B 195 -17.46 -3.97 7.36
C LEU B 195 -16.57 -4.68 8.37
N GLY B 196 -16.23 -3.97 9.44
CA GLY B 196 -15.63 -4.59 10.61
C GLY B 196 -16.77 -5.04 11.51
N LEU B 197 -16.44 -5.38 12.76
CA LEU B 197 -17.46 -5.73 13.75
C LEU B 197 -18.50 -4.64 13.98
N ILE B 198 -19.75 -4.95 13.66
CA ILE B 198 -20.87 -4.03 13.86
C ILE B 198 -21.68 -4.54 15.05
N ASP B 199 -22.20 -3.62 15.86
CA ASP B 199 -22.82 -4.00 17.14
C ASP B 199 -24.20 -4.63 17.02
N THR B 200 -24.34 -5.71 16.25
CA THR B 200 -25.66 -6.31 16.10
C THR B 200 -25.85 -7.37 17.16
N GLU B 201 -27.12 -7.63 17.48
CA GLU B 201 -27.45 -8.59 18.51
C GLU B 201 -26.74 -9.92 18.24
N THR B 202 -27.10 -10.56 17.14
CA THR B 202 -26.43 -11.77 16.67
C THR B 202 -24.93 -11.67 16.76
N ALA B 203 -24.35 -10.67 16.09
CA ALA B 203 -22.90 -10.52 16.09
C ALA B 203 -22.42 -10.57 17.52
N MET B 204 -22.90 -9.62 18.32
CA MET B 204 -22.52 -9.56 19.72
C MET B 204 -22.81 -10.89 20.41
N LYS B 205 -24.01 -11.43 20.19
CA LYS B 205 -24.24 -12.75 20.72
C LYS B 205 -22.97 -13.56 20.44
N ALA B 206 -22.65 -13.66 19.15
CA ALA B 206 -21.72 -14.68 18.64
C ALA B 206 -20.23 -14.56 18.99
N VAL B 207 -19.70 -13.35 19.09
CA VAL B 207 -18.25 -13.20 19.27
C VAL B 207 -17.86 -12.91 20.70
N SER B 208 -18.87 -12.75 21.55
CA SER B 208 -18.64 -12.44 22.96
C SER B 208 -17.84 -13.55 23.68
N GLY B 209 -16.80 -13.14 24.39
CA GLY B 209 -15.96 -14.08 25.15
C GLY B 209 -14.89 -14.74 24.31
N ILE B 210 -15.05 -14.68 22.99
CA ILE B 210 -14.07 -15.27 22.08
C ILE B 210 -13.28 -14.20 21.32
N VAL B 211 -13.94 -13.08 21.02
CA VAL B 211 -13.33 -12.00 20.26
C VAL B 211 -13.54 -10.67 20.98
N HIS B 212 -12.57 -9.78 20.91
CA HIS B 212 -12.59 -8.58 21.75
C HIS B 212 -12.31 -7.26 21.02
N MET B 213 -12.62 -7.21 19.73
CA MET B 213 -12.46 -5.96 18.96
C MET B 213 -13.57 -4.93 19.24
N GLN B 214 -13.43 -3.73 18.70
CA GLN B 214 -14.42 -2.66 18.90
C GLN B 214 -15.60 -2.66 17.91
N ALA B 215 -16.82 -2.87 18.41
CA ALA B 215 -18.03 -2.85 17.59
C ALA B 215 -18.46 -1.45 17.18
N ALA B 216 -18.66 -1.23 15.90
CA ALA B 216 -19.19 0.04 15.40
C ALA B 216 -20.72 0.08 15.50
N PRO B 217 -21.30 1.29 15.48
CA PRO B 217 -22.74 1.37 15.75
C PRO B 217 -23.58 1.00 14.53
N LYS B 218 -24.49 0.05 14.70
CA LYS B 218 -25.28 -0.44 13.59
C LYS B 218 -26.13 0.62 12.88
N GLU B 219 -26.54 1.66 13.58
CA GLU B 219 -27.37 2.70 12.94
C GLU B 219 -26.56 3.44 11.87
N GLU B 220 -25.36 3.89 12.24
CA GLU B 220 -24.49 4.63 11.35
C GLU B 220 -24.00 3.71 10.22
N CYS B 221 -23.66 2.48 10.58
CA CYS B 221 -23.30 1.46 9.61
C CYS B 221 -24.33 1.51 8.49
N ALA B 222 -25.59 1.32 8.87
CA ALA B 222 -26.67 1.27 7.91
C ALA B 222 -26.65 2.42 6.91
N LEU B 223 -26.45 3.63 7.41
CA LEU B 223 -26.56 4.82 6.60
C LEU B 223 -25.32 4.97 5.70
N GLU B 224 -24.17 4.57 6.21
CA GLU B 224 -22.99 4.61 5.34
C GLU B 224 -23.26 3.78 4.08
N ILE B 225 -23.87 2.62 4.29
CA ILE B 225 -24.18 1.69 3.22
C ILE B 225 -25.10 2.29 2.17
N ILE B 226 -26.20 2.90 2.60
CA ILE B 226 -27.10 3.53 1.64
C ILE B 226 -26.45 4.67 0.83
N LYS B 227 -25.62 5.48 1.48
CA LYS B 227 -25.01 6.61 0.79
C LYS B 227 -24.09 6.05 -0.24
N GLY B 228 -23.30 5.07 0.19
CA GLY B 228 -22.33 4.43 -0.68
C GLY B 228 -23.05 4.00 -1.93
N GLY B 229 -24.23 3.42 -1.72
CA GLY B 229 -25.10 2.99 -2.80
C GLY B 229 -25.54 4.19 -3.60
N ALA B 230 -26.13 5.16 -2.91
CA ALA B 230 -26.68 6.33 -3.57
C ALA B 230 -25.59 7.09 -4.33
N LEU B 231 -24.37 7.08 -3.80
CA LEU B 231 -23.29 7.79 -4.45
C LEU B 231 -22.60 6.94 -5.53
N ARG B 232 -23.07 5.69 -5.67
CA ARG B 232 -22.54 4.76 -6.64
C ARG B 232 -21.04 4.53 -6.46
N GLN B 233 -20.62 4.41 -5.22
CA GLN B 233 -19.23 4.13 -4.93
C GLN B 233 -19.01 2.64 -5.16
N GLU B 234 -17.76 2.25 -5.35
CA GLU B 234 -17.47 0.84 -5.56
C GLU B 234 -17.40 0.17 -4.22
N GLU B 235 -16.61 0.73 -3.31
CA GLU B 235 -16.52 0.15 -1.99
C GLU B 235 -16.88 1.12 -0.88
N VAL B 236 -17.48 0.59 0.17
CA VAL B 236 -17.72 1.33 1.38
C VAL B 236 -16.96 0.67 2.49
N TYR B 237 -16.09 1.41 3.16
CA TYR B 237 -15.34 0.87 4.26
C TYR B 237 -15.91 1.45 5.51
N TYR B 238 -16.21 0.58 6.48
CA TYR B 238 -16.77 1.05 7.72
C TYR B 238 -16.33 0.18 8.89
N ASP B 239 -15.61 0.82 9.82
CA ASP B 239 -15.12 0.20 11.03
C ASP B 239 -15.08 1.29 12.09
N SER B 240 -15.05 0.89 13.36
CA SER B 240 -14.93 1.82 14.46
C SER B 240 -13.54 2.41 14.40
N SER B 241 -12.56 1.52 14.23
CA SER B 241 -11.15 1.88 14.17
C SER B 241 -10.79 2.50 12.83
N LEU B 242 -10.71 3.83 12.80
CA LEU B 242 -10.29 4.54 11.60
C LEU B 242 -8.88 4.22 11.10
N TRP B 243 -8.10 3.50 11.92
CA TRP B 243 -6.86 2.91 11.41
C TRP B 243 -7.32 2.00 10.28
N THR B 244 -7.70 0.80 10.70
CA THR B 244 -8.31 -0.20 9.85
C THR B 244 -8.92 0.35 8.57
N THR B 245 -9.93 1.19 8.70
CA THR B 245 -10.69 1.63 7.54
C THR B 245 -9.79 2.24 6.44
N LEU B 246 -8.55 2.53 6.80
CA LEU B 246 -7.66 3.26 5.89
C LEU B 246 -6.73 2.37 5.07
N LEU B 247 -6.17 1.34 5.68
CA LEU B 247 -5.21 0.51 4.96
C LEU B 247 -5.91 -0.67 4.32
N ILE B 248 -7.23 -0.59 4.24
CA ILE B 248 -8.02 -1.71 3.79
C ILE B 248 -8.10 -1.79 2.27
N ARG B 249 -8.25 -0.64 1.62
CA ARG B 249 -8.26 -0.62 0.15
C ARG B 249 -6.90 -1.07 -0.43
N ASN B 250 -6.96 -1.77 -1.56
CA ASN B 250 -5.73 -2.27 -2.18
C ASN B 250 -5.44 -1.62 -3.52
N PRO B 251 -4.39 -0.78 -3.56
CA PRO B 251 -4.03 -0.02 -4.76
C PRO B 251 -3.21 -0.83 -5.76
N SER B 252 -2.48 -1.83 -5.28
CA SER B 252 -1.78 -2.72 -6.20
C SER B 252 -2.83 -3.32 -7.13
N ARG B 253 -3.92 -3.76 -6.51
CA ARG B 253 -5.07 -4.30 -7.22
C ARG B 253 -5.63 -3.29 -8.23
N LYS B 254 -5.90 -2.07 -7.79
CA LYS B 254 -6.45 -1.08 -8.70
C LYS B 254 -5.50 -0.91 -9.87
N ILE B 255 -4.21 -0.91 -9.56
CA ILE B 255 -3.18 -0.83 -10.60
C ILE B 255 -3.25 -2.02 -11.54
N LEU B 256 -3.12 -3.22 -11.00
CA LEU B 256 -3.13 -4.44 -11.81
C LEU B 256 -4.34 -4.50 -12.74
N GLU B 257 -5.49 -4.08 -12.22
CA GLU B 257 -6.72 -4.13 -12.99
C GLU B 257 -6.65 -3.11 -14.12
N PHE B 258 -5.98 -1.99 -13.83
CA PHE B 258 -5.77 -0.90 -14.79
C PHE B 258 -4.83 -1.34 -15.91
N LEU B 259 -3.69 -1.91 -15.53
CA LEU B 259 -2.78 -2.43 -16.52
C LEU B 259 -3.57 -3.30 -17.47
N TYR B 260 -3.98 -4.47 -16.97
CA TYR B 260 -4.75 -5.42 -17.75
C TYR B 260 -6.11 -4.89 -18.22
N SER B 261 -6.42 -3.66 -17.82
CA SER B 261 -7.67 -3.02 -18.22
C SER B 261 -7.57 -2.54 -19.66
N THR B 262 -7.32 -1.24 -19.83
CA THR B 262 -7.27 -0.62 -21.15
C THR B 262 -6.31 -1.36 -22.10
N SER B 263 -5.38 -2.12 -21.54
CA SER B 263 -4.57 -3.03 -22.32
C SER B 263 -5.05 -4.47 -22.17
N TYR B 264 -6.37 -4.67 -22.34
CA TYR B 264 -7.03 -5.99 -22.26
C TYR B 264 -6.36 -7.00 -21.32
N LEU C 3 23.30 -8.77 4.40
CA LEU C 3 23.77 -10.10 4.91
C LEU C 3 22.58 -11.01 5.24
N ASN C 4 22.81 -12.33 5.23
CA ASN C 4 21.77 -13.29 5.56
C ASN C 4 21.70 -13.57 7.07
N GLU C 5 22.65 -13.01 7.81
CA GLU C 5 22.88 -13.33 9.23
C GLU C 5 21.75 -13.07 10.22
N GLU C 6 21.99 -13.47 11.46
CA GLU C 6 21.33 -12.92 12.63
C GLU C 6 22.40 -12.09 13.32
N PHE C 7 22.00 -11.13 14.15
CA PHE C 7 22.99 -10.32 14.83
C PHE C 7 23.57 -11.04 16.04
N ARG C 8 24.87 -10.88 16.22
CA ARG C 8 25.52 -11.33 17.44
C ARG C 8 26.58 -10.29 17.85
N PRO C 9 26.67 -10.02 19.16
CA PRO C 9 27.54 -9.00 19.72
C PRO C 9 28.91 -8.92 19.08
N GLU C 10 29.41 -10.05 18.61
CA GLU C 10 30.83 -10.19 18.28
C GLU C 10 31.19 -9.56 16.93
N MET C 11 30.16 -9.23 16.18
CA MET C 11 30.34 -8.58 14.87
C MET C 11 31.11 -7.26 14.99
N LEU C 12 31.14 -6.70 16.20
CA LEU C 12 31.71 -5.38 16.43
C LEU C 12 33.07 -5.47 17.09
N GLN C 13 33.33 -6.64 17.67
CA GLN C 13 34.56 -6.87 18.39
C GLN C 13 35.76 -6.38 17.60
N GLY C 14 36.47 -5.40 18.14
CA GLY C 14 37.68 -4.91 17.50
C GLY C 14 37.44 -4.00 16.32
N LYS C 15 36.18 -3.74 15.97
CA LYS C 15 35.88 -2.75 14.93
C LYS C 15 36.17 -1.31 15.37
N LYS C 16 36.47 -0.46 14.40
CA LYS C 16 36.78 0.94 14.64
C LYS C 16 35.55 1.79 14.31
N VAL C 17 34.89 2.26 15.36
CA VAL C 17 33.59 2.89 15.22
C VAL C 17 33.64 4.38 15.56
N ILE C 18 32.99 5.18 14.73
CA ILE C 18 32.73 6.56 15.11
C ILE C 18 31.26 6.71 15.47
N VAL C 19 31.01 7.38 16.60
CA VAL C 19 29.65 7.79 17.00
C VAL C 19 29.68 9.27 17.23
N THR C 20 28.85 10.01 16.52
CA THR C 20 28.71 11.44 16.78
C THR C 20 27.53 11.68 17.70
N GLY C 21 27.47 12.88 18.27
CA GLY C 21 26.45 13.22 19.24
C GLY C 21 26.45 12.18 20.34
N ALA C 22 27.64 11.91 20.89
CA ALA C 22 27.83 10.82 21.87
C ALA C 22 27.78 11.19 23.35
N SER C 23 27.58 12.46 23.67
CA SER C 23 27.59 12.90 25.07
C SER C 23 26.38 12.40 25.87
N LYS C 24 25.19 12.46 25.28
CA LYS C 24 23.99 12.07 26.02
C LYS C 24 23.07 11.25 25.12
N GLY C 25 21.91 10.90 25.67
CA GLY C 25 20.86 10.28 24.86
C GLY C 25 21.29 9.00 24.20
N ILE C 26 20.80 8.78 22.98
CA ILE C 26 21.06 7.57 22.21
C ILE C 26 22.52 7.37 21.81
N GLY C 27 23.18 8.44 21.40
CA GLY C 27 24.55 8.35 20.92
C GLY C 27 25.44 7.76 21.99
N ARG C 28 25.21 8.19 23.22
CA ARG C 28 26.00 7.64 24.30
C ARG C 28 25.69 6.14 24.38
N GLU C 29 24.45 5.80 24.76
CA GLU C 29 24.03 4.40 24.75
C GLU C 29 24.76 3.61 23.66
N MET C 30 24.82 4.14 22.45
CA MET C 30 25.51 3.43 21.39
C MET C 30 26.99 3.27 21.72
N ALA C 31 27.61 4.34 22.23
CA ALA C 31 29.00 4.27 22.57
C ALA C 31 29.20 3.15 23.56
N TYR C 32 28.34 3.09 24.58
CA TYR C 32 28.44 2.06 25.60
C TYR C 32 28.24 0.67 25.01
N HIS C 33 27.20 0.48 24.20
CA HIS C 33 27.01 -0.82 23.60
C HIS C 33 28.31 -1.26 22.93
N LEU C 34 28.79 -0.44 22.00
CA LEU C 34 30.07 -0.71 21.34
C LEU C 34 31.18 -0.98 22.35
N ALA C 35 31.23 -0.20 23.41
CA ALA C 35 32.19 -0.48 24.46
C ALA C 35 32.02 -1.94 24.91
N LYS C 36 30.84 -2.30 25.38
CA LYS C 36 30.61 -3.64 25.85
C LYS C 36 31.09 -4.68 24.86
N MET C 37 30.92 -4.40 23.57
CA MET C 37 31.26 -5.32 22.50
C MET C 37 32.73 -5.21 22.11
N GLY C 38 33.49 -4.39 22.82
CA GLY C 38 34.91 -4.26 22.56
C GLY C 38 35.29 -3.82 21.16
N ALA C 39 34.77 -2.66 20.74
CA ALA C 39 35.25 -2.03 19.52
C ALA C 39 36.21 -0.90 19.85
N HIS C 40 36.88 -0.36 18.84
CA HIS C 40 37.54 0.91 19.04
C HIS C 40 36.47 1.94 18.76
N VAL C 41 36.40 2.96 19.59
CA VAL C 41 35.38 3.99 19.46
C VAL C 41 36.00 5.36 19.54
N VAL C 42 35.56 6.26 18.66
CA VAL C 42 35.88 7.66 18.86
C VAL C 42 34.57 8.41 18.93
N VAL C 43 34.42 9.19 20.00
CA VAL C 43 33.17 9.86 20.26
C VAL C 43 33.40 11.36 20.20
N THR C 44 32.39 12.05 19.68
CA THR C 44 32.45 13.50 19.55
C THR C 44 31.11 14.14 19.92
N ALA C 45 31.19 15.44 20.18
CA ALA C 45 30.08 16.28 20.60
C ALA C 45 30.75 17.55 21.11
N ARG C 46 29.98 18.50 21.63
CA ARG C 46 30.59 19.74 22.08
C ARG C 46 31.13 19.66 23.52
N SER C 47 30.49 18.86 24.37
CA SER C 47 30.80 18.86 25.80
C SER C 47 32.13 18.21 26.17
N LYS C 48 33.24 18.93 26.02
CA LYS C 48 34.54 18.41 26.41
C LYS C 48 34.51 17.53 27.67
N GLU C 49 33.94 18.04 28.75
CA GLU C 49 34.07 17.41 30.07
C GLU C 49 33.13 16.24 30.25
N THR C 50 32.07 16.21 29.46
CA THR C 50 31.14 15.12 29.53
C THR C 50 31.65 13.94 28.72
N LEU C 51 32.31 14.27 27.61
CA LEU C 51 32.86 13.29 26.67
C LEU C 51 33.94 12.43 27.35
N GLN C 52 34.88 13.11 28.01
CA GLN C 52 35.93 12.44 28.77
C GLN C 52 35.35 11.38 29.70
N LYS C 53 34.16 11.65 30.22
CA LYS C 53 33.55 10.76 31.20
C LYS C 53 32.88 9.58 30.51
N VAL C 54 32.37 9.84 29.32
CA VAL C 54 31.75 8.78 28.54
C VAL C 54 32.84 7.78 28.20
N VAL C 55 33.98 8.31 27.81
CA VAL C 55 35.15 7.52 27.47
C VAL C 55 35.60 6.68 28.66
N SER C 56 35.88 7.32 29.78
CA SER C 56 36.27 6.54 30.94
C SER C 56 35.25 5.43 31.09
N HIS C 57 33.97 5.74 30.98
CA HIS C 57 33.03 4.67 31.18
C HIS C 57 33.21 3.58 30.12
N CYS C 58 33.65 3.99 28.95
CA CYS C 58 33.79 3.05 27.85
C CYS C 58 34.93 2.06 28.12
N LEU C 59 36.03 2.57 28.70
CA LEU C 59 37.13 1.72 29.10
C LEU C 59 36.70 0.68 30.15
N GLU C 60 36.01 1.12 31.20
CA GLU C 60 35.56 0.19 32.23
C GLU C 60 34.67 -0.91 31.65
N LEU C 61 33.86 -0.56 30.65
CA LEU C 61 32.97 -1.53 29.99
C LEU C 61 33.74 -2.52 29.13
N GLY C 62 34.96 -2.15 28.76
CA GLY C 62 35.77 -3.03 27.93
C GLY C 62 35.76 -2.64 26.46
N ALA C 63 36.13 -1.40 26.18
CA ALA C 63 36.31 -0.95 24.81
C ALA C 63 37.71 -1.33 24.32
N ALA C 64 37.84 -1.76 23.07
CA ALA C 64 39.16 -1.95 22.46
C ALA C 64 40.02 -0.72 22.78
N SER C 65 39.34 0.41 22.91
CA SER C 65 39.94 1.71 23.12
C SER C 65 38.86 2.74 22.91
N ALA C 66 39.05 3.94 23.45
CA ALA C 66 38.04 4.97 23.41
C ALA C 66 38.70 6.34 23.49
N HIS C 67 38.38 7.21 22.53
CA HIS C 67 38.91 8.57 22.53
C HIS C 67 37.84 9.59 22.21
N TYR C 68 38.09 10.84 22.57
CA TYR C 68 37.12 11.90 22.31
C TYR C 68 37.70 13.10 21.59
N ILE C 69 36.88 13.77 20.79
CA ILE C 69 37.29 15.01 20.21
C ILE C 69 36.08 15.92 20.34
N ALA C 70 36.28 17.03 21.03
CA ALA C 70 35.22 17.98 21.31
C ALA C 70 35.08 18.91 20.15
N GLY C 71 33.85 19.21 19.76
CA GLY C 71 33.62 20.19 18.72
C GLY C 71 32.15 20.44 18.46
N THR C 72 31.88 21.32 17.52
CA THR C 72 30.52 21.59 17.14
C THR C 72 30.37 21.36 15.64
N MET C 73 29.35 20.60 15.28
CA MET C 73 29.19 20.19 13.90
C MET C 73 28.68 21.34 13.02
N GLU C 74 28.70 22.54 13.57
CA GLU C 74 28.31 23.69 12.78
C GLU C 74 29.54 24.09 11.99
N ASP C 75 30.69 23.60 12.43
CA ASP C 75 31.97 23.90 11.80
C ASP C 75 32.37 22.84 10.77
N MET C 76 32.09 23.09 9.50
CA MET C 76 32.39 22.07 8.50
C MET C 76 33.86 21.69 8.57
N THR C 77 34.73 22.64 8.88
CA THR C 77 36.15 22.32 8.98
C THR C 77 36.42 21.34 10.11
N PHE C 78 35.90 21.63 11.30
CA PHE C 78 36.08 20.73 12.41
C PHE C 78 35.72 19.31 11.99
N ALA C 79 34.67 19.17 11.19
CA ALA C 79 34.20 17.84 10.84
C ALA C 79 35.09 17.07 9.86
N GLU C 80 35.70 17.76 8.89
CA GLU C 80 36.68 17.14 8.00
C GLU C 80 37.83 16.60 8.86
N GLN C 81 38.35 17.47 9.73
CA GLN C 81 39.51 17.13 10.53
C GLN C 81 39.23 16.10 11.61
N PHE C 82 37.99 15.99 12.03
CA PHE C 82 37.61 15.04 13.08
C PHE C 82 37.75 13.62 12.54
N VAL C 83 37.39 13.47 11.27
CA VAL C 83 37.45 12.15 10.68
C VAL C 83 38.92 11.81 10.55
N ALA C 84 39.69 12.74 9.98
CA ALA C 84 41.12 12.56 9.81
C ALA C 84 41.68 12.07 11.13
N GLN C 85 41.54 12.89 12.15
CA GLN C 85 42.12 12.59 13.44
C GLN C 85 41.63 11.25 13.99
N ALA C 86 40.32 11.01 13.92
CA ALA C 86 39.73 9.81 14.53
C ALA C 86 40.26 8.53 13.92
N GLY C 87 40.51 8.58 12.62
CA GLY C 87 40.97 7.41 11.88
C GLY C 87 42.44 7.23 12.16
N LYS C 88 43.02 8.22 12.84
CA LYS C 88 44.39 8.10 13.26
C LYS C 88 44.45 7.35 14.58
N LEU C 89 43.49 7.63 15.44
CA LEU C 89 43.45 7.05 16.77
C LEU C 89 43.09 5.56 16.71
N MET C 90 42.46 5.15 15.62
CA MET C 90 42.02 3.76 15.49
C MET C 90 42.77 2.99 14.38
N GLY C 91 43.53 3.70 13.56
CA GLY C 91 44.15 3.10 12.39
C GLY C 91 43.11 2.59 11.40
N GLY C 92 42.19 3.47 11.00
CA GLY C 92 41.18 3.09 10.01
C GLY C 92 39.77 3.31 10.48
N LEU C 93 38.81 2.66 9.81
CA LEU C 93 37.40 2.85 10.15
C LEU C 93 36.50 1.85 9.45
N ASP C 94 35.63 1.24 10.24
CA ASP C 94 34.70 0.21 9.81
C ASP C 94 33.30 0.79 9.71
N MET C 95 33.00 1.73 10.60
CA MET C 95 31.64 2.20 10.80
C MET C 95 31.56 3.69 11.16
N LEU C 96 30.83 4.44 10.35
CA LEU C 96 30.58 5.84 10.66
C LEU C 96 29.11 6.01 11.11
N ILE C 97 28.91 6.31 12.38
CA ILE C 97 27.55 6.51 12.93
C ILE C 97 27.24 8.00 13.08
N LEU C 98 26.42 8.51 12.17
CA LEU C 98 26.03 9.93 12.13
C LEU C 98 24.75 10.08 12.92
N ASN C 99 24.85 10.68 14.10
CA ASN C 99 23.75 10.72 15.04
C ASN C 99 23.40 12.11 15.62
N HIS C 100 24.30 13.08 15.49
CA HIS C 100 24.10 14.34 16.18
C HIS C 100 22.97 15.19 15.55
N ILE C 101 22.31 15.98 16.38
CA ILE C 101 21.41 17.03 15.87
C ILE C 101 21.63 18.32 16.61
N THR C 102 21.32 19.43 15.96
CA THR C 102 21.29 20.72 16.65
C THR C 102 20.02 20.88 17.50
N ASN C 103 20.08 21.61 18.60
CA ASN C 103 18.88 21.70 19.43
C ASN C 103 17.74 22.45 18.74
N THR C 104 16.51 21.93 18.84
CA THR C 104 15.32 22.63 18.34
C THR C 104 14.22 22.54 19.38
N SER C 105 13.10 23.18 19.09
CA SER C 105 11.99 23.15 20.03
C SER C 105 10.74 22.77 19.29
N LEU C 106 9.77 22.27 20.02
CA LEU C 106 8.45 22.14 19.46
C LEU C 106 7.95 23.57 19.28
N ASN C 107 7.75 23.97 18.03
CA ASN C 107 7.42 25.35 17.76
C ASN C 107 6.82 25.54 16.39
N LEU C 108 5.83 26.41 16.35
CA LEU C 108 5.20 26.78 15.10
C LEU C 108 6.15 27.64 14.30
N PHE C 109 6.26 27.34 13.00
CA PHE C 109 7.13 28.10 12.14
C PHE C 109 6.45 29.38 11.72
N HIS C 110 6.86 30.50 12.30
CA HIS C 110 6.40 31.77 11.77
C HIS C 110 7.39 32.25 10.71
N ASP C 111 8.61 32.50 11.13
CA ASP C 111 9.57 33.11 10.25
C ASP C 111 10.97 32.88 10.80
N ASP C 112 11.19 31.69 11.35
CA ASP C 112 12.45 31.44 12.00
C ASP C 112 13.43 30.82 11.02
N ILE C 113 13.85 31.62 10.05
CA ILE C 113 14.74 31.18 8.99
C ILE C 113 16.10 30.72 9.49
N HIS C 114 16.64 31.35 10.52
CA HIS C 114 18.00 30.99 10.85
C HIS C 114 18.05 29.64 11.52
N HIS C 115 16.90 29.20 12.03
CA HIS C 115 16.84 27.89 12.63
C HIS C 115 16.78 26.85 11.53
N VAL C 116 16.12 27.20 10.45
CA VAL C 116 16.03 26.29 9.33
C VAL C 116 17.42 26.07 8.76
N ARG C 117 18.15 27.16 8.51
CA ARG C 117 19.46 27.03 7.88
C ARG C 117 20.39 26.20 8.75
N LYS C 118 20.38 26.52 10.04
CA LYS C 118 21.28 25.85 10.94
C LYS C 118 20.94 24.39 10.95
N SER C 119 19.66 24.09 11.17
CA SER C 119 19.20 22.71 11.16
C SER C 119 19.77 21.99 9.96
N MET C 120 19.68 22.61 8.79
CA MET C 120 20.13 21.98 7.56
C MET C 120 21.65 21.74 7.51
N GLU C 121 22.41 22.58 8.21
CA GLU C 121 23.86 22.44 8.28
C GLU C 121 24.25 21.36 9.28
N VAL C 122 23.81 21.51 10.52
CA VAL C 122 24.13 20.54 11.54
C VAL C 122 23.57 19.14 11.24
N ASN C 123 22.26 19.06 11.02
CA ASN C 123 21.57 17.80 10.88
C ASN C 123 21.72 17.13 9.55
N PHE C 124 22.25 17.81 8.54
CA PHE C 124 22.36 17.19 7.21
C PHE C 124 23.68 17.43 6.49
N LEU C 125 24.08 18.69 6.40
CA LEU C 125 25.34 19.00 5.73
C LEU C 125 26.58 18.40 6.43
N SER C 126 26.63 18.49 7.76
CA SER C 126 27.76 17.92 8.49
C SER C 126 27.85 16.43 8.23
N TYR C 127 26.69 15.81 7.97
CA TYR C 127 26.62 14.37 7.74
C TYR C 127 27.31 14.08 6.41
N VAL C 128 27.05 14.90 5.41
CA VAL C 128 27.67 14.71 4.11
C VAL C 128 29.16 14.91 4.22
N VAL C 129 29.58 15.87 5.04
CA VAL C 129 30.99 16.21 5.13
C VAL C 129 31.71 15.09 5.85
N LEU C 130 31.19 14.71 7.00
CA LEU C 130 31.78 13.61 7.74
C LEU C 130 31.91 12.40 6.81
N THR C 131 30.84 12.14 6.08
CA THR C 131 30.77 11.01 5.18
C THR C 131 31.90 11.11 4.17
N VAL C 132 32.00 12.25 3.51
CA VAL C 132 32.99 12.43 2.46
C VAL C 132 34.39 12.17 2.97
N ALA C 133 34.65 12.58 4.21
CA ALA C 133 35.98 12.44 4.77
C ALA C 133 36.22 11.00 5.17
N ALA C 134 35.13 10.30 5.45
CA ALA C 134 35.20 8.97 6.01
C ALA C 134 35.26 7.92 4.91
N LEU C 135 35.12 8.35 3.68
CA LEU C 135 34.94 7.40 2.59
C LEU C 135 36.15 6.55 2.20
N PRO C 136 37.30 7.17 1.92
CA PRO C 136 38.42 6.31 1.51
C PRO C 136 38.70 5.18 2.51
N MET C 137 38.53 5.44 3.81
CA MET C 137 38.82 4.42 4.81
C MET C 137 37.73 3.37 4.92
N LEU C 138 36.48 3.78 4.72
CA LEU C 138 35.38 2.84 4.76
C LEU C 138 35.43 1.96 3.54
N LYS C 139 35.98 2.50 2.46
CA LYS C 139 36.22 1.74 1.25
C LYS C 139 37.33 0.71 1.48
N GLN C 140 38.36 1.14 2.20
CA GLN C 140 39.36 0.23 2.76
C GLN C 140 38.68 -0.95 3.47
N SER C 141 37.97 -0.70 4.56
CA SER C 141 37.40 -1.77 5.36
C SER C 141 36.16 -2.40 4.76
N ASN C 142 35.86 -2.09 3.51
CA ASN C 142 34.55 -2.42 2.99
C ASN C 142 33.55 -2.12 4.09
N GLY C 143 33.64 -0.90 4.63
CA GLY C 143 32.90 -0.49 5.84
C GLY C 143 31.44 -0.03 5.74
N SER C 144 30.96 0.59 6.83
CA SER C 144 29.54 0.96 6.94
C SER C 144 29.20 2.34 7.50
N ILE C 145 28.17 2.96 6.89
CA ILE C 145 27.68 4.27 7.30
C ILE C 145 26.29 4.19 7.92
N VAL C 146 26.12 4.70 9.14
CA VAL C 146 24.82 4.60 9.80
C VAL C 146 24.18 5.99 10.04
N VAL C 147 23.00 6.19 9.46
CA VAL C 147 22.36 7.49 9.51
C VAL C 147 21.12 7.46 10.37
N VAL C 148 21.16 8.17 11.49
CA VAL C 148 20.03 8.22 12.40
C VAL C 148 19.00 9.26 12.01
N SER C 149 17.78 8.81 11.72
CA SER C 149 16.70 9.71 11.31
C SER C 149 15.50 9.51 12.21
N SER C 150 14.30 9.82 11.71
CA SER C 150 13.11 9.61 12.53
C SER C 150 11.84 9.45 11.72
N LEU C 151 10.75 9.11 12.40
CA LEU C 151 9.47 9.06 11.72
C LEU C 151 9.33 10.35 10.95
N ALA C 152 9.69 11.45 11.63
CA ALA C 152 9.52 12.78 11.07
C ALA C 152 10.38 13.03 9.85
N GLY C 153 11.12 12.02 9.41
CA GLY C 153 11.92 12.14 8.19
C GLY C 153 11.27 11.29 7.14
N LYS C 154 10.10 10.76 7.51
CA LYS C 154 9.37 9.91 6.58
C LYS C 154 7.99 10.49 6.34
N VAL C 155 7.47 11.18 7.35
CA VAL C 155 6.12 11.68 7.31
C VAL C 155 5.99 13.09 7.93
N ALA C 156 4.88 13.77 7.70
CA ALA C 156 4.75 15.15 8.12
C ALA C 156 4.31 15.25 9.55
N TYR C 157 4.77 16.28 10.23
CA TYR C 157 4.35 16.52 11.58
C TYR C 157 4.46 18.03 11.76
N PRO C 158 3.71 18.61 12.70
CA PRO C 158 3.82 20.05 12.93
C PRO C 158 4.71 20.34 14.11
N MET C 159 5.21 21.57 14.22
CA MET C 159 6.11 21.98 15.30
C MET C 159 7.59 21.60 15.05
N VAL C 160 7.84 20.95 13.92
CA VAL C 160 9.19 20.49 13.60
C VAL C 160 9.48 20.59 12.10
N ALA C 161 9.12 21.69 11.46
CA ALA C 161 9.35 21.79 10.03
C ALA C 161 10.84 21.79 9.68
N ALA C 162 11.63 22.56 10.41
CA ALA C 162 13.06 22.61 10.18
C ALA C 162 13.69 21.21 10.38
N TYR C 163 13.37 20.56 11.49
CA TYR C 163 13.84 19.23 11.79
C TYR C 163 13.52 18.24 10.63
N SER C 164 12.26 18.14 10.26
CA SER C 164 11.86 17.24 9.21
C SER C 164 12.49 17.55 7.88
N ALA C 165 12.65 18.83 7.59
CA ALA C 165 13.24 19.21 6.32
C ALA C 165 14.61 18.56 6.23
N SER C 166 15.35 18.61 7.33
CA SER C 166 16.72 18.14 7.34
C SER C 166 16.77 16.61 7.34
N LYS C 167 15.92 16.00 8.18
CA LYS C 167 15.79 14.53 8.23
C LYS C 167 15.31 14.01 6.89
N PHE C 168 14.34 14.66 6.29
CA PHE C 168 13.85 14.22 4.99
C PHE C 168 15.02 14.27 4.04
N ALA C 169 15.91 15.23 4.25
CA ALA C 169 17.03 15.44 3.35
C ALA C 169 18.04 14.28 3.37
N LEU C 170 18.35 13.80 4.58
CA LEU C 170 19.25 12.64 4.79
C LEU C 170 18.80 11.49 3.90
N ASP C 171 17.53 11.18 4.01
CA ASP C 171 16.91 10.18 3.21
C ASP C 171 17.18 10.40 1.72
N GLY C 172 16.78 11.55 1.21
CA GLY C 172 16.94 11.79 -0.20
C GLY C 172 18.37 11.53 -0.64
N PHE C 173 19.31 12.11 0.10
CA PHE C 173 20.72 12.10 -0.28
C PHE C 173 21.40 10.74 -0.08
N PHE C 174 21.21 10.13 1.07
CA PHE C 174 21.86 8.83 1.29
C PHE C 174 21.25 7.68 0.50
N SER C 175 19.94 7.71 0.27
CA SER C 175 19.30 6.69 -0.56
C SER C 175 19.86 6.78 -1.96
N SER C 176 19.94 7.99 -2.48
CA SER C 176 20.39 8.17 -3.83
C SER C 176 21.85 7.74 -3.89
N ILE C 177 22.60 8.11 -2.86
CA ILE C 177 23.98 7.67 -2.76
C ILE C 177 24.05 6.15 -2.67
N ARG C 178 23.16 5.56 -1.87
CA ARG C 178 23.15 4.11 -1.78
C ARG C 178 23.12 3.50 -3.16
N LYS C 179 22.15 3.90 -3.97
CA LYS C 179 22.04 3.37 -5.33
C LYS C 179 23.37 3.52 -6.03
N GLU C 180 23.94 4.72 -5.96
CA GLU C 180 25.19 5.00 -6.65
C GLU C 180 26.19 3.90 -6.34
N TYR C 181 26.39 3.64 -5.05
CA TYR C 181 27.38 2.64 -4.63
C TYR C 181 26.98 1.26 -5.09
N SER C 182 25.67 1.05 -5.18
CA SER C 182 25.09 -0.22 -5.59
C SER C 182 25.34 -0.57 -7.07
N VAL C 183 26.33 0.09 -7.68
CA VAL C 183 26.72 -0.20 -9.08
C VAL C 183 28.17 0.16 -9.36
N SER C 184 28.62 1.31 -8.88
CA SER C 184 30.06 1.54 -8.85
C SER C 184 30.65 0.40 -8.02
N ARG C 185 29.78 -0.53 -7.65
CA ARG C 185 30.15 -1.68 -6.80
C ARG C 185 31.09 -1.24 -5.68
N VAL C 186 30.80 -0.08 -5.11
CA VAL C 186 31.51 0.41 -3.95
C VAL C 186 30.85 -0.30 -2.79
N ASN C 187 31.64 -0.90 -1.90
CA ASN C 187 31.02 -1.78 -0.91
C ASN C 187 30.95 -1.20 0.51
N VAL C 188 30.35 -0.01 0.59
CA VAL C 188 30.00 0.58 1.87
C VAL C 188 28.51 0.46 2.07
N SER C 189 28.06 -0.13 3.17
CA SER C 189 26.62 -0.10 3.39
C SER C 189 26.19 1.27 3.93
N ILE C 190 24.90 1.55 3.76
CA ILE C 190 24.26 2.77 4.21
C ILE C 190 22.92 2.47 4.92
N THR C 191 22.87 2.72 6.21
CA THR C 191 21.71 2.37 7.03
C THR C 191 21.00 3.61 7.58
N LEU C 192 19.74 3.80 7.17
CA LEU C 192 18.92 4.95 7.59
C LEU C 192 17.93 4.57 8.68
N CYS C 193 18.13 5.09 9.89
CA CYS C 193 17.31 4.68 11.02
C CYS C 193 16.12 5.62 11.26
N VAL C 194 14.95 5.01 11.36
CA VAL C 194 13.73 5.75 11.56
C VAL C 194 13.18 5.48 12.94
N LEU C 195 13.31 6.46 13.84
CA LEU C 195 13.01 6.23 15.24
C LEU C 195 11.75 6.94 15.70
N GLY C 196 10.95 6.24 16.49
CA GLY C 196 9.78 6.87 17.08
C GLY C 196 10.25 7.50 18.36
N LEU C 197 9.34 8.14 19.08
CA LEU C 197 9.68 8.70 20.37
C LEU C 197 10.62 7.74 21.13
N ILE C 198 11.77 8.26 21.55
CA ILE C 198 12.69 7.50 22.38
C ILE C 198 12.78 8.22 23.71
N ASP C 199 13.01 7.48 24.79
CA ASP C 199 12.92 8.09 26.12
C ASP C 199 14.18 8.84 26.53
N THR C 200 14.61 9.79 25.71
CA THR C 200 15.81 10.56 26.05
C THR C 200 15.48 11.85 26.81
N GLU C 201 16.31 12.15 27.81
CA GLU C 201 16.19 13.38 28.60
C GLU C 201 15.67 14.54 27.73
N THR C 202 16.48 14.90 26.73
CA THR C 202 16.16 16.00 25.82
C THR C 202 14.79 15.89 25.16
N ALA C 203 14.43 14.67 24.77
CA ALA C 203 13.17 14.48 24.08
C ALA C 203 12.03 14.58 25.07
N MET C 204 12.24 14.03 26.26
CA MET C 204 11.19 14.00 27.28
C MET C 204 10.96 15.39 27.84
N LYS C 205 12.03 16.15 28.04
CA LYS C 205 11.92 17.52 28.53
C LYS C 205 11.44 18.48 27.45
N ALA C 206 11.29 17.99 26.23
CA ALA C 206 10.84 18.83 25.13
C ALA C 206 9.38 18.61 24.82
N VAL C 207 8.86 17.44 25.19
CA VAL C 207 7.50 17.07 24.82
C VAL C 207 6.42 17.61 25.78
N GLN C 214 4.15 7.82 23.06
CA GLN C 214 4.77 7.08 24.16
C GLN C 214 6.21 6.73 23.79
N ALA C 215 7.08 6.71 24.80
CA ALA C 215 8.52 6.64 24.58
C ALA C 215 9.09 5.23 24.65
N ALA C 216 9.86 4.85 23.64
CA ALA C 216 10.65 3.63 23.69
C ALA C 216 11.97 3.92 24.40
N PRO C 217 12.52 2.90 25.08
CA PRO C 217 13.76 3.08 25.84
C PRO C 217 15.01 3.23 24.96
N LYS C 218 15.85 4.18 25.34
CA LYS C 218 17.02 4.56 24.57
C LYS C 218 18.08 3.47 24.47
N GLU C 219 18.24 2.71 25.55
CA GLU C 219 19.25 1.64 25.65
C GLU C 219 19.05 0.60 24.55
N GLU C 220 17.82 0.13 24.40
CA GLU C 220 17.47 -0.86 23.37
C GLU C 220 17.45 -0.21 22.00
N CYS C 221 17.10 1.07 21.96
CA CYS C 221 17.04 1.83 20.73
C CYS C 221 18.41 1.87 20.09
N ALA C 222 19.41 2.21 20.90
CA ALA C 222 20.77 2.34 20.43
C ALA C 222 21.24 1.05 19.76
N LEU C 223 21.03 -0.05 20.46
CA LEU C 223 21.42 -1.39 20.02
C LEU C 223 20.73 -1.78 18.74
N GLU C 224 19.47 -1.41 18.61
CA GLU C 224 18.78 -1.74 17.39
C GLU C 224 19.43 -1.00 16.24
N ILE C 225 19.96 0.19 16.52
CA ILE C 225 20.64 0.97 15.46
C ILE C 225 21.95 0.29 15.08
N ILE C 226 22.68 -0.16 16.09
CA ILE C 226 23.92 -0.89 15.86
C ILE C 226 23.68 -2.22 15.13
N LYS C 227 22.62 -2.93 15.50
CA LYS C 227 22.27 -4.18 14.81
C LYS C 227 22.09 -3.92 13.32
N GLY C 228 21.24 -2.97 13.00
CA GLY C 228 20.94 -2.66 11.60
C GLY C 228 22.18 -2.31 10.80
N GLY C 229 23.09 -1.57 11.41
CA GLY C 229 24.32 -1.20 10.75
C GLY C 229 25.23 -2.39 10.49
N ALA C 230 25.37 -3.26 11.50
CA ALA C 230 26.24 -4.44 11.38
C ALA C 230 25.67 -5.44 10.39
N LEU C 231 24.35 -5.56 10.35
CA LEU C 231 23.69 -6.44 9.38
C LEU C 231 23.65 -5.82 8.00
N ARG C 232 24.27 -4.67 7.86
CA ARG C 232 24.22 -3.91 6.61
C ARG C 232 22.79 -3.67 6.11
N GLN C 233 21.84 -3.45 7.01
CA GLN C 233 20.46 -3.25 6.55
C GLN C 233 20.22 -1.86 5.94
N GLU C 234 19.34 -1.81 4.95
CA GLU C 234 19.04 -0.55 4.31
C GLU C 234 18.36 0.44 5.23
N GLU C 235 17.38 -0.02 5.98
CA GLU C 235 16.63 0.82 6.89
C GLU C 235 16.35 0.12 8.20
N VAL C 236 16.36 0.87 9.29
CA VAL C 236 16.01 0.30 10.57
C VAL C 236 14.82 1.05 11.12
N TYR C 237 13.91 0.32 11.75
CA TYR C 237 12.74 0.92 12.33
C TYR C 237 12.73 0.64 13.81
N TYR C 238 12.21 1.58 14.59
CA TYR C 238 12.15 1.37 16.03
C TYR C 238 11.21 2.33 16.72
N ASP C 239 10.18 1.78 17.37
CA ASP C 239 9.14 2.57 18.00
C ASP C 239 8.45 1.76 19.11
N SER C 240 8.04 2.45 20.17
CA SER C 240 7.22 1.90 21.24
C SER C 240 6.01 1.09 20.75
N SER C 241 5.54 1.37 19.55
CA SER C 241 4.39 0.66 19.01
C SER C 241 4.77 -0.23 17.82
N LEU C 242 4.25 -1.45 17.85
CA LEU C 242 4.45 -2.36 16.73
C LEU C 242 3.59 -1.88 15.55
N TRP C 243 2.39 -1.39 15.86
CA TRP C 243 1.49 -0.77 14.88
C TRP C 243 2.26 0.27 14.05
N THR C 244 2.88 1.19 14.77
CA THR C 244 3.75 2.21 14.19
C THR C 244 4.76 1.62 13.21
N THR C 245 5.54 0.64 13.64
CA THR C 245 6.69 0.20 12.86
C THR C 245 6.33 -0.52 11.57
N LEU C 246 5.35 -1.42 11.62
CA LEU C 246 4.97 -2.15 10.41
C LEU C 246 4.66 -1.15 9.31
N LEU C 247 3.98 -0.08 9.70
CA LEU C 247 3.45 0.87 8.75
C LEU C 247 4.49 1.79 8.11
N ILE C 248 5.53 2.13 8.86
CA ILE C 248 6.55 3.04 8.34
C ILE C 248 7.17 2.54 7.04
N ARG C 249 7.16 1.23 6.83
CA ARG C 249 7.72 0.70 5.59
C ARG C 249 6.96 1.33 4.45
N ASN C 250 7.56 1.36 3.27
CA ASN C 250 6.89 1.91 2.10
C ASN C 250 7.15 1.07 0.85
N PRO C 251 6.25 0.11 0.60
CA PRO C 251 6.30 -0.84 -0.51
C PRO C 251 6.22 -0.15 -1.86
N SER C 252 5.27 0.77 -1.96
CA SER C 252 5.07 1.53 -3.19
C SER C 252 6.38 2.16 -3.69
N ARG C 253 7.19 2.63 -2.75
CA ARG C 253 8.50 3.22 -3.08
C ARG C 253 9.50 2.20 -3.64
N LYS C 254 9.67 1.05 -2.97
CA LYS C 254 10.58 0.00 -3.44
C LYS C 254 10.30 -0.34 -4.90
N ILE C 255 9.04 -0.66 -5.18
CA ILE C 255 8.68 -1.01 -6.55
C ILE C 255 9.15 0.10 -7.51
N LEU C 256 8.74 1.34 -7.25
CA LEU C 256 9.12 2.45 -8.09
C LEU C 256 10.62 2.52 -8.38
N GLU C 257 11.42 2.43 -7.33
CA GLU C 257 12.88 2.43 -7.48
C GLU C 257 13.35 1.31 -8.40
N PHE C 258 12.90 0.09 -8.12
CA PHE C 258 13.28 -1.06 -8.94
C PHE C 258 12.73 -0.91 -10.34
N LEU C 259 11.50 -0.41 -10.45
CA LEU C 259 10.91 -0.14 -11.76
C LEU C 259 11.81 0.75 -12.60
N TYR C 260 12.23 1.88 -12.01
CA TYR C 260 13.06 2.86 -12.70
C TYR C 260 14.54 2.48 -12.76
N SER C 261 14.90 1.31 -12.25
CA SER C 261 16.28 0.85 -12.38
C SER C 261 16.47 0.19 -13.74
N GLN D 1 -8.54 20.98 2.42
CA GLN D 1 -8.98 19.98 1.41
C GLN D 1 -9.21 20.64 0.05
N PRO D 2 -8.82 19.94 -1.04
CA PRO D 2 -8.96 20.54 -2.38
C PRO D 2 -10.38 21.04 -2.65
N LEU D 3 -10.60 22.34 -2.45
CA LEU D 3 -11.91 22.99 -2.69
C LEU D 3 -12.71 22.31 -3.80
N ASN D 4 -13.79 21.61 -3.40
CA ASN D 4 -14.50 20.71 -4.31
C ASN D 4 -15.25 21.39 -5.48
N GLU D 5 -14.53 21.58 -6.58
CA GLU D 5 -15.14 21.85 -7.88
C GLU D 5 -14.14 21.58 -9.00
N GLU D 6 -14.66 21.17 -10.15
CA GLU D 6 -13.84 20.92 -11.32
C GLU D 6 -13.16 22.22 -11.73
N PHE D 7 -11.99 22.12 -12.36
CA PHE D 7 -11.22 23.32 -12.68
C PHE D 7 -11.97 24.31 -13.56
N ARG D 8 -11.55 25.57 -13.48
CA ARG D 8 -12.08 26.66 -14.29
C ARG D 8 -11.07 27.78 -14.46
N PRO D 9 -10.62 28.02 -15.70
CA PRO D 9 -9.66 29.06 -16.09
C PRO D 9 -9.97 30.43 -15.50
N GLU D 10 -11.18 30.61 -15.01
CA GLU D 10 -11.63 31.88 -14.46
C GLU D 10 -11.00 32.09 -13.10
N MET D 11 -10.83 31.00 -12.36
CA MET D 11 -10.18 31.04 -11.05
C MET D 11 -8.95 31.94 -11.05
N LEU D 12 -8.33 32.11 -12.21
CA LEU D 12 -7.11 32.91 -12.33
C LEU D 12 -7.36 34.31 -12.92
N GLN D 13 -8.42 34.97 -12.44
CA GLN D 13 -8.78 36.28 -12.95
C GLN D 13 -8.49 37.36 -11.92
N GLY D 14 -7.56 38.24 -12.23
CA GLY D 14 -7.17 39.30 -11.30
C GLY D 14 -6.46 38.73 -10.07
N LYS D 15 -6.13 37.45 -10.12
CA LYS D 15 -5.38 36.84 -9.04
C LYS D 15 -3.92 37.25 -9.14
N LYS D 16 -3.38 37.78 -8.05
CA LYS D 16 -2.01 38.28 -8.02
C LYS D 16 -1.02 37.13 -7.82
N VAL D 17 -0.11 36.96 -8.76
CA VAL D 17 0.64 35.71 -8.89
C VAL D 17 2.12 35.84 -9.22
N ILE D 18 2.98 35.32 -8.34
CA ILE D 18 4.41 35.20 -8.65
C ILE D 18 4.80 33.83 -9.22
N VAL D 19 5.71 33.84 -10.19
CA VAL D 19 6.31 32.62 -10.68
C VAL D 19 7.82 32.76 -10.65
N THR D 20 8.50 31.87 -9.95
CA THR D 20 9.96 31.91 -9.97
C THR D 20 10.45 30.91 -11.00
N GLY D 21 11.76 30.88 -11.25
CA GLY D 21 12.29 30.02 -12.29
C GLY D 21 11.37 30.18 -13.48
N ALA D 22 10.85 31.40 -13.63
CA ALA D 22 9.87 31.69 -14.66
C ALA D 22 10.47 32.17 -15.99
N SER D 23 11.80 32.18 -16.09
CA SER D 23 12.48 32.69 -17.30
C SER D 23 12.48 31.71 -18.47
N LYS D 24 12.54 30.41 -18.20
CA LYS D 24 12.43 29.41 -19.26
C LYS D 24 11.82 28.08 -18.82
N GLY D 25 11.77 27.13 -19.74
CA GLY D 25 11.13 25.84 -19.48
C GLY D 25 9.75 25.96 -18.86
N ILE D 26 9.45 25.04 -17.95
CA ILE D 26 8.14 25.00 -17.30
C ILE D 26 7.73 26.35 -16.70
N GLY D 27 8.71 27.08 -16.16
CA GLY D 27 8.45 28.36 -15.50
C GLY D 27 7.80 29.36 -16.44
N ARG D 28 8.33 29.44 -17.64
CA ARG D 28 7.76 30.29 -18.67
C ARG D 28 6.31 29.89 -18.92
N GLU D 29 6.08 28.61 -19.20
CA GLU D 29 4.77 28.17 -19.67
C GLU D 29 3.74 28.34 -18.59
N MET D 30 4.17 28.31 -17.34
CA MET D 30 3.23 28.56 -16.25
C MET D 30 2.72 29.99 -16.36
N ALA D 31 3.65 30.92 -16.59
CA ALA D 31 3.33 32.33 -16.74
C ALA D 31 2.33 32.53 -17.89
N TYR D 32 2.77 32.22 -19.10
CA TYR D 32 1.88 32.27 -20.25
C TYR D 32 0.45 31.90 -19.86
N HIS D 33 0.23 30.65 -19.45
CA HIS D 33 -1.10 30.22 -19.03
C HIS D 33 -1.78 31.31 -18.19
N LEU D 34 -1.18 31.62 -17.04
CA LEU D 34 -1.75 32.62 -16.13
C LEU D 34 -2.16 33.90 -16.84
N ALA D 35 -1.35 34.32 -17.82
CA ALA D 35 -1.63 35.50 -18.61
C ALA D 35 -2.95 35.30 -19.37
N LYS D 36 -3.03 34.19 -20.10
CA LYS D 36 -4.22 33.86 -20.87
C LYS D 36 -5.38 33.52 -19.95
N MET D 37 -5.27 33.95 -18.69
CA MET D 37 -6.36 33.80 -17.74
C MET D 37 -6.62 35.15 -17.08
N GLY D 38 -5.84 36.15 -17.50
CA GLY D 38 -6.02 37.52 -17.03
C GLY D 38 -5.55 37.79 -15.62
N ALA D 39 -4.48 37.10 -15.21
CA ALA D 39 -3.95 37.26 -13.88
C ALA D 39 -2.74 38.19 -13.90
N HIS D 40 -2.49 38.84 -12.77
CA HIS D 40 -1.31 39.66 -12.59
C HIS D 40 -0.12 38.77 -12.22
N VAL D 41 0.89 38.75 -13.08
CA VAL D 41 2.06 37.94 -12.83
C VAL D 41 3.29 38.82 -12.53
N VAL D 42 4.20 38.27 -11.74
CA VAL D 42 5.52 38.87 -11.57
C VAL D 42 6.50 37.70 -11.67
N VAL D 43 7.29 37.71 -12.73
CA VAL D 43 8.21 36.62 -12.96
C VAL D 43 9.61 37.01 -12.54
N THR D 44 10.36 36.05 -12.02
CA THR D 44 11.74 36.31 -11.68
C THR D 44 12.67 35.22 -12.16
N ALA D 45 13.95 35.56 -12.18
CA ALA D 45 14.99 34.72 -12.72
C ALA D 45 16.22 35.59 -12.74
N ARG D 46 17.17 35.25 -13.62
CA ARG D 46 18.35 36.08 -13.77
C ARG D 46 18.33 36.83 -15.10
N SER D 47 18.44 36.11 -16.21
CA SER D 47 18.53 36.74 -17.52
C SER D 47 17.41 37.77 -17.74
N LYS D 48 17.71 39.04 -17.49
CA LYS D 48 16.73 40.11 -17.69
C LYS D 48 16.33 40.30 -19.16
N GLU D 49 17.26 39.98 -20.06
CA GLU D 49 16.97 40.02 -21.49
C GLU D 49 15.81 39.06 -21.78
N THR D 50 16.00 37.80 -21.40
CA THR D 50 15.00 36.77 -21.69
C THR D 50 13.72 37.00 -20.90
N LEU D 51 13.84 37.68 -19.76
CA LEU D 51 12.69 37.99 -18.91
C LEU D 51 11.84 39.11 -19.47
N GLN D 52 12.47 40.02 -20.19
CA GLN D 52 11.76 41.08 -20.90
C GLN D 52 10.91 40.40 -21.96
N LYS D 53 11.53 39.45 -22.64
CA LYS D 53 10.93 38.76 -23.76
C LYS D 53 9.83 37.84 -23.26
N VAL D 54 9.69 37.78 -21.95
CA VAL D 54 8.66 36.95 -21.31
C VAL D 54 7.47 37.80 -20.85
N VAL D 55 7.75 38.97 -20.26
CA VAL D 55 6.69 39.91 -19.85
C VAL D 55 5.88 40.41 -21.04
N SER D 56 6.58 40.75 -22.13
CA SER D 56 5.95 41.14 -23.37
C SER D 56 4.86 40.15 -23.78
N HIS D 57 5.27 38.93 -24.11
CA HIS D 57 4.33 37.91 -24.60
C HIS D 57 3.18 37.68 -23.61
N CYS D 58 3.42 37.96 -22.33
CA CYS D 58 2.37 37.86 -21.33
C CYS D 58 1.21 38.81 -21.61
N LEU D 59 1.52 40.10 -21.63
CA LEU D 59 0.52 41.13 -21.84
C LEU D 59 -0.33 40.88 -23.08
N GLU D 60 0.33 40.67 -24.22
CA GLU D 60 -0.37 40.40 -25.47
C GLU D 60 -0.97 38.99 -25.52
N LEU D 61 -1.21 38.43 -24.33
CA LEU D 61 -1.98 37.20 -24.21
C LEU D 61 -3.00 37.45 -23.12
N GLY D 62 -3.06 38.70 -22.70
CA GLY D 62 -4.13 39.16 -21.84
C GLY D 62 -3.83 39.09 -20.36
N ALA D 63 -2.61 39.42 -19.98
CA ALA D 63 -2.26 39.48 -18.58
C ALA D 63 -2.66 40.84 -18.05
N ALA D 64 -3.30 40.86 -16.88
CA ALA D 64 -3.77 42.11 -16.27
C ALA D 64 -2.62 43.08 -16.06
N SER D 65 -1.58 42.60 -15.39
CA SER D 65 -0.31 43.32 -15.29
C SER D 65 0.83 42.33 -15.28
N ALA D 66 1.94 42.72 -15.90
CA ALA D 66 3.13 41.89 -15.99
C ALA D 66 4.38 42.73 -15.80
N HIS D 67 5.07 42.52 -14.69
CA HIS D 67 6.32 43.19 -14.42
C HIS D 67 7.39 42.12 -14.25
N TYR D 68 8.64 42.54 -14.07
CA TYR D 68 9.73 41.60 -13.85
C TYR D 68 10.77 42.18 -12.90
N ILE D 69 11.42 41.29 -12.17
CA ILE D 69 12.60 41.64 -11.41
C ILE D 69 13.62 40.58 -11.80
N ALA D 70 14.91 40.91 -11.72
CA ALA D 70 15.91 39.94 -12.12
C ALA D 70 16.99 39.83 -11.07
N GLY D 71 17.20 38.62 -10.56
CA GLY D 71 18.16 38.40 -9.49
C GLY D 71 18.53 36.94 -9.29
N THR D 72 19.25 36.67 -8.21
CA THR D 72 19.65 35.32 -7.90
C THR D 72 19.18 34.86 -6.53
N MET D 73 18.47 33.73 -6.56
CA MET D 73 17.94 33.14 -5.36
C MET D 73 19.06 32.49 -4.54
N GLU D 74 20.30 32.75 -4.94
CA GLU D 74 21.46 32.46 -4.11
C GLU D 74 21.49 33.56 -3.08
N ASP D 75 20.94 34.70 -3.48
CA ASP D 75 20.90 35.88 -2.64
C ASP D 75 19.61 35.82 -1.82
N MET D 76 19.73 35.39 -0.58
CA MET D 76 18.55 35.36 0.26
C MET D 76 18.07 36.79 0.41
N THR D 77 18.99 37.69 0.74
CA THR D 77 18.67 39.10 0.82
C THR D 77 17.84 39.53 -0.40
N PHE D 78 18.30 39.13 -1.58
CA PHE D 78 17.60 39.53 -2.78
C PHE D 78 16.17 39.04 -2.71
N ALA D 79 16.03 37.72 -2.65
CA ALA D 79 14.72 37.09 -2.65
C ALA D 79 13.75 37.75 -1.66
N GLU D 80 14.18 37.99 -0.43
CA GLU D 80 13.27 38.60 0.55
C GLU D 80 12.69 39.90 0.00
N GLN D 81 13.54 40.68 -0.67
CA GLN D 81 13.16 42.00 -1.16
C GLN D 81 12.36 41.89 -2.45
N PHE D 82 12.70 40.92 -3.29
CA PHE D 82 11.93 40.69 -4.51
C PHE D 82 10.43 40.46 -4.21
N VAL D 83 10.13 39.86 -3.07
CA VAL D 83 8.75 39.52 -2.70
C VAL D 83 7.99 40.76 -2.25
N ALA D 84 8.69 41.68 -1.60
CA ALA D 84 8.12 42.97 -1.22
C ALA D 84 7.88 43.82 -2.47
N GLN D 85 8.96 44.20 -3.14
CA GLN D 85 8.87 44.92 -4.41
C GLN D 85 7.76 44.35 -5.32
N ALA D 86 7.62 43.03 -5.36
CA ALA D 86 6.59 42.38 -6.16
C ALA D 86 5.19 42.62 -5.61
N GLY D 87 5.08 42.61 -4.29
CA GLY D 87 3.80 42.81 -3.61
C GLY D 87 3.38 44.27 -3.64
N LYS D 88 4.37 45.15 -3.58
CA LYS D 88 4.19 46.58 -3.78
C LYS D 88 3.78 46.85 -5.23
N LEU D 89 4.44 46.18 -6.18
CA LEU D 89 4.14 46.27 -7.61
C LEU D 89 2.76 45.78 -8.05
N MET D 90 2.12 44.94 -7.24
CA MET D 90 0.79 44.42 -7.56
C MET D 90 -0.22 44.70 -6.47
N GLY D 91 0.26 45.25 -5.36
CA GLY D 91 -0.60 45.53 -4.21
C GLY D 91 -1.33 44.31 -3.67
N GLY D 92 -0.59 43.21 -3.51
CA GLY D 92 -1.15 41.95 -3.02
C GLY D 92 -0.61 40.66 -3.63
N LEU D 93 -1.06 39.53 -3.08
CA LEU D 93 -0.60 38.21 -3.49
C LEU D 93 -1.64 37.12 -3.23
N ASP D 94 -1.85 36.26 -4.21
CA ASP D 94 -2.79 35.16 -4.07
C ASP D 94 -2.12 33.81 -4.34
N MET D 95 -1.06 33.84 -5.13
CA MET D 95 -0.36 32.63 -5.49
C MET D 95 1.15 32.82 -5.56
N LEU D 96 1.86 32.01 -4.77
CA LEU D 96 3.31 31.97 -4.79
C LEU D 96 3.76 30.65 -5.41
N ILE D 97 4.36 30.74 -6.59
CA ILE D 97 4.77 29.56 -7.33
C ILE D 97 6.29 29.46 -7.37
N LEU D 98 6.85 28.80 -6.36
CA LEU D 98 8.27 28.55 -6.29
C LEU D 98 8.57 27.44 -7.25
N ASN D 99 9.57 27.61 -8.10
CA ASN D 99 9.80 26.67 -9.19
C ASN D 99 11.25 26.61 -9.66
N HIS D 100 12.06 27.60 -9.28
CA HIS D 100 13.45 27.61 -9.72
C HIS D 100 14.24 26.51 -9.00
N ILE D 101 15.45 26.26 -9.52
CA ILE D 101 16.41 25.34 -8.93
C ILE D 101 17.75 25.61 -9.61
N THR D 102 18.86 25.52 -8.86
CA THR D 102 20.18 25.76 -9.44
C THR D 102 20.43 24.81 -10.62
N ASN D 103 21.57 24.94 -11.27
CA ASN D 103 21.91 24.03 -12.36
C ASN D 103 22.65 22.79 -11.83
N THR D 104 22.28 21.61 -12.33
CA THR D 104 22.96 20.36 -11.98
C THR D 104 23.09 19.51 -13.23
N SER D 105 24.01 18.57 -13.21
CA SER D 105 24.15 17.62 -14.31
C SER D 105 23.99 16.20 -13.78
N LEU D 106 24.01 15.22 -14.67
CA LEU D 106 23.93 13.85 -14.22
C LEU D 106 25.32 13.40 -13.84
N ASN D 107 25.49 13.00 -12.58
CA ASN D 107 26.79 12.67 -12.07
C ASN D 107 26.75 11.81 -10.83
N LEU D 108 27.70 10.89 -10.73
CA LEU D 108 27.96 10.22 -9.49
C LEU D 108 28.40 11.27 -8.50
N PHE D 109 27.84 11.24 -7.29
CA PHE D 109 28.35 12.07 -6.23
C PHE D 109 29.65 11.46 -5.70
N HIS D 110 30.53 12.30 -5.20
CA HIS D 110 31.83 11.81 -4.85
C HIS D 110 32.63 12.82 -4.05
N ASP D 111 32.43 14.11 -4.27
CA ASP D 111 33.29 15.08 -3.64
C ASP D 111 32.68 16.47 -3.53
N ASP D 112 31.62 16.71 -4.30
CA ASP D 112 31.12 18.05 -4.50
C ASP D 112 30.20 18.56 -3.40
N ILE D 113 30.76 18.93 -2.25
CA ILE D 113 29.96 19.52 -1.19
C ILE D 113 29.46 20.88 -1.64
N HIS D 114 30.32 21.60 -2.36
CA HIS D 114 29.88 22.86 -2.96
C HIS D 114 28.47 22.67 -3.51
N HIS D 115 28.27 21.64 -4.32
CA HIS D 115 27.02 21.51 -5.03
C HIS D 115 25.90 21.15 -4.10
N VAL D 116 26.19 20.26 -3.17
CA VAL D 116 25.20 19.87 -2.21
C VAL D 116 24.75 21.16 -1.53
N ARG D 117 25.72 22.02 -1.24
CA ARG D 117 25.40 23.22 -0.49
C ARG D 117 24.60 24.21 -1.32
N LYS D 118 25.05 24.47 -2.54
CA LYS D 118 24.40 25.43 -3.41
C LYS D 118 22.95 25.01 -3.60
N SER D 119 22.74 23.71 -3.75
CA SER D 119 21.43 23.15 -4.02
C SER D 119 20.49 23.35 -2.84
N MET D 120 20.97 23.04 -1.65
CA MET D 120 20.13 23.22 -0.48
C MET D 120 19.79 24.70 -0.29
N GLU D 121 20.64 25.57 -0.82
CA GLU D 121 20.45 27.02 -0.71
C GLU D 121 19.39 27.50 -1.70
N VAL D 122 19.61 27.24 -2.99
CA VAL D 122 18.74 27.73 -4.05
C VAL D 122 17.46 26.92 -4.25
N ASN D 123 17.56 25.60 -4.12
CA ASN D 123 16.39 24.74 -4.21
C ASN D 123 15.52 24.77 -2.98
N PHE D 124 16.11 24.82 -1.81
CA PHE D 124 15.30 24.69 -0.59
C PHE D 124 15.15 25.98 0.24
N LEU D 125 16.26 26.49 0.77
CA LEU D 125 16.21 27.72 1.56
C LEU D 125 15.59 28.87 0.79
N SER D 126 16.04 29.10 -0.43
CA SER D 126 15.44 30.20 -1.13
C SER D 126 13.92 30.08 -0.96
N TYR D 127 13.36 28.91 -1.31
CA TYR D 127 11.91 28.75 -1.28
C TYR D 127 11.34 29.10 0.08
N VAL D 128 12.14 28.97 1.11
CA VAL D 128 11.61 29.21 2.44
C VAL D 128 11.65 30.71 2.77
N VAL D 129 12.51 31.45 2.07
CA VAL D 129 12.58 32.89 2.31
C VAL D 129 11.43 33.58 1.58
N LEU D 130 11.25 33.22 0.31
CA LEU D 130 10.14 33.73 -0.46
C LEU D 130 8.85 33.54 0.35
N THR D 131 8.65 32.33 0.84
CA THR D 131 7.44 31.95 1.56
C THR D 131 7.21 32.84 2.75
N VAL D 132 8.21 32.92 3.64
CA VAL D 132 8.11 33.72 4.86
C VAL D 132 7.71 35.14 4.50
N ALA D 133 8.39 35.65 3.46
CA ALA D 133 8.21 36.98 2.95
C ALA D 133 6.84 37.16 2.30
N ALA D 134 6.21 36.06 1.89
CA ALA D 134 4.91 36.17 1.22
C ALA D 134 3.79 35.92 2.20
N LEU D 135 4.13 35.44 3.39
CA LEU D 135 3.10 35.02 4.35
C LEU D 135 2.04 36.09 4.74
N PRO D 136 2.47 37.30 5.14
CA PRO D 136 1.44 38.32 5.42
C PRO D 136 0.45 38.55 4.26
N MET D 137 0.94 38.81 3.06
CA MET D 137 0.05 39.05 1.93
C MET D 137 -0.89 37.88 1.73
N LEU D 138 -0.32 36.67 1.70
CA LEU D 138 -1.11 35.46 1.55
C LEU D 138 -2.12 35.23 2.68
N LYS D 139 -1.78 35.67 3.90
CA LYS D 139 -2.71 35.52 5.03
C LYS D 139 -3.96 36.38 4.86
N GLN D 140 -3.75 37.66 4.50
CA GLN D 140 -4.87 38.54 4.13
C GLN D 140 -5.67 38.00 2.94
N SER D 141 -4.98 37.46 1.93
CA SER D 141 -5.63 37.04 0.71
C SER D 141 -6.20 35.61 0.71
N ASN D 142 -5.95 34.87 1.80
CA ASN D 142 -6.32 33.44 1.88
C ASN D 142 -5.91 32.65 0.63
N GLY D 143 -4.68 32.84 0.19
CA GLY D 143 -4.24 32.32 -1.11
C GLY D 143 -3.50 30.98 -1.12
N SER D 144 -2.50 30.87 -1.99
CA SER D 144 -1.88 29.59 -2.26
C SER D 144 -0.36 29.66 -2.40
N ILE D 145 0.30 28.57 -2.00
CA ILE D 145 1.74 28.41 -2.21
C ILE D 145 1.88 27.15 -3.02
N VAL D 146 2.68 27.20 -4.07
CA VAL D 146 2.92 26.05 -4.90
C VAL D 146 4.42 25.78 -4.89
N VAL D 147 4.81 24.54 -4.64
CA VAL D 147 6.21 24.17 -4.62
C VAL D 147 6.36 23.08 -5.66
N VAL D 148 7.22 23.31 -6.64
CA VAL D 148 7.45 22.30 -7.65
C VAL D 148 8.52 21.33 -7.18
N SER D 149 8.38 20.07 -7.54
CA SER D 149 9.28 19.05 -7.05
C SER D 149 9.43 17.98 -8.11
N SER D 150 9.83 16.78 -7.70
CA SER D 150 10.10 15.72 -8.66
C SER D 150 9.96 14.34 -8.10
N LEU D 151 9.83 13.37 -9.00
CA LEU D 151 9.91 11.96 -8.65
C LEU D 151 11.08 11.75 -7.72
N ALA D 152 12.19 12.39 -8.05
CA ALA D 152 13.39 12.29 -7.27
C ALA D 152 13.22 12.97 -5.92
N GLY D 153 12.02 13.44 -5.62
CA GLY D 153 11.79 14.08 -4.34
C GLY D 153 10.93 13.21 -3.48
N LYS D 154 10.63 12.03 -4.03
CA LYS D 154 9.75 11.08 -3.38
C LYS D 154 10.46 9.73 -3.31
N VAL D 155 11.26 9.44 -4.32
CA VAL D 155 11.96 8.16 -4.37
C VAL D 155 13.43 8.35 -4.71
N ALA D 156 14.21 7.32 -4.40
CA ALA D 156 15.65 7.35 -4.58
C ALA D 156 16.02 7.09 -6.03
N TYR D 157 17.06 7.77 -6.50
CA TYR D 157 17.54 7.65 -7.87
C TYR D 157 19.00 8.10 -7.87
N PRO D 158 19.87 7.38 -8.60
CA PRO D 158 21.30 7.74 -8.62
C PRO D 158 21.57 8.93 -9.53
N MET D 159 22.78 9.50 -9.45
CA MET D 159 23.25 10.60 -10.31
C MET D 159 22.80 12.01 -9.90
N VAL D 160 21.89 12.11 -8.94
CA VAL D 160 21.30 13.40 -8.57
C VAL D 160 21.07 13.53 -7.07
N ALA D 161 22.06 13.16 -6.27
CA ALA D 161 21.87 13.17 -4.82
C ALA D 161 21.65 14.57 -4.23
N ALA D 162 22.45 15.55 -4.65
CA ALA D 162 22.30 16.93 -4.21
C ALA D 162 20.86 17.39 -4.44
N TYR D 163 20.40 17.12 -5.66
CA TYR D 163 19.05 17.41 -6.08
C TYR D 163 18.02 16.75 -5.16
N SER D 164 17.97 15.41 -5.21
CA SER D 164 16.98 14.66 -4.46
C SER D 164 16.90 15.18 -3.04
N ALA D 165 18.06 15.39 -2.42
CA ALA D 165 18.08 15.93 -1.05
C ALA D 165 17.30 17.27 -0.98
N SER D 166 17.63 18.21 -1.85
CA SER D 166 16.93 19.49 -1.79
C SER D 166 15.42 19.28 -1.93
N LYS D 167 15.00 18.48 -2.93
CA LYS D 167 13.57 18.14 -3.13
C LYS D 167 12.91 17.35 -2.02
N PHE D 168 13.63 16.42 -1.41
CA PHE D 168 13.10 15.66 -0.30
C PHE D 168 12.87 16.61 0.85
N ALA D 169 13.77 17.58 0.97
CA ALA D 169 13.69 18.60 2.01
C ALA D 169 12.43 19.47 1.92
N LEU D 170 12.00 19.80 0.71
CA LEU D 170 10.80 20.65 0.51
C LEU D 170 9.56 19.98 1.07
N ASP D 171 9.33 18.76 0.60
CA ASP D 171 8.25 17.96 1.09
C ASP D 171 8.28 18.02 2.61
N GLY D 172 9.36 17.50 3.20
CA GLY D 172 9.42 17.47 4.64
C GLY D 172 9.04 18.81 5.23
N PHE D 173 9.54 19.88 4.63
CA PHE D 173 9.27 21.21 5.13
C PHE D 173 7.82 21.60 4.95
N PHE D 174 7.41 21.78 3.71
CA PHE D 174 6.09 22.33 3.44
C PHE D 174 4.90 21.50 3.91
N SER D 175 5.09 20.19 4.02
CA SER D 175 4.02 19.35 4.49
C SER D 175 3.98 19.54 5.97
N SER D 176 5.07 20.02 6.52
CA SER D 176 5.13 20.09 7.95
C SER D 176 4.34 21.32 8.32
N ILE D 177 4.53 22.39 7.56
CA ILE D 177 3.79 23.58 7.89
C ILE D 177 2.34 23.38 7.45
N ARG D 178 2.12 22.82 6.26
CA ARG D 178 0.77 22.61 5.84
C ARG D 178 -0.05 22.27 7.07
N LYS D 179 0.39 21.27 7.82
CA LYS D 179 -0.35 20.81 8.99
C LYS D 179 -0.35 21.83 10.13
N GLU D 180 0.70 22.63 10.22
CA GLU D 180 0.75 23.69 11.21
C GLU D 180 -0.39 24.67 10.88
N TYR D 181 -0.46 25.07 9.63
CA TYR D 181 -1.54 25.92 9.18
C TYR D 181 -2.90 25.31 9.57
N SER D 182 -3.15 24.08 9.19
CA SER D 182 -4.36 23.38 9.62
C SER D 182 -4.72 23.58 11.10
N VAL D 183 -3.78 23.38 12.02
CA VAL D 183 -4.11 23.59 13.44
C VAL D 183 -3.84 25.03 13.88
N SER D 184 -3.97 25.94 12.93
CA SER D 184 -3.89 27.37 13.21
C SER D 184 -4.98 28.08 12.41
N ARG D 185 -5.88 27.27 11.86
CA ARG D 185 -6.94 27.74 10.98
C ARG D 185 -6.39 28.65 9.87
N VAL D 186 -5.09 28.93 9.91
CA VAL D 186 -4.43 29.70 8.86
C VAL D 186 -4.84 29.15 7.48
N ASN D 187 -5.36 30.03 6.63
CA ASN D 187 -6.03 29.64 5.39
C ASN D 187 -5.19 29.59 4.13
N VAL D 188 -3.98 29.06 4.22
CA VAL D 188 -3.10 29.08 3.04
C VAL D 188 -2.89 27.70 2.41
N SER D 189 -3.21 27.61 1.13
CA SER D 189 -3.04 26.40 0.37
C SER D 189 -1.57 26.10 0.20
N ILE D 190 -1.16 24.86 0.49
CA ILE D 190 0.21 24.39 0.15
C ILE D 190 0.19 23.25 -0.89
N THR D 191 0.76 23.49 -2.06
CA THR D 191 0.74 22.50 -3.12
C THR D 191 2.12 22.10 -3.63
N LEU D 192 2.43 20.82 -3.44
CA LEU D 192 3.67 20.20 -3.87
C LEU D 192 3.38 19.36 -5.09
N CYS D 193 4.14 19.54 -6.15
CA CYS D 193 3.88 18.85 -7.39
C CYS D 193 4.98 17.84 -7.73
N VAL D 194 4.60 16.57 -7.84
CA VAL D 194 5.56 15.55 -8.20
C VAL D 194 5.58 15.36 -9.71
N LEU D 195 6.70 15.68 -10.32
CA LEU D 195 6.78 15.59 -11.78
C LEU D 195 7.83 14.59 -12.21
N GLY D 196 7.43 13.65 -13.03
CA GLY D 196 8.40 12.77 -13.68
C GLY D 196 9.08 13.56 -14.78
N LEU D 197 9.90 12.87 -15.56
CA LEU D 197 10.50 13.47 -16.72
C LEU D 197 9.54 14.40 -17.47
N ILE D 198 9.90 15.66 -17.61
CA ILE D 198 9.17 16.58 -18.47
C ILE D 198 10.12 17.08 -19.57
N ASP D 199 9.58 17.28 -20.77
CA ASP D 199 10.41 17.52 -21.97
C ASP D 199 11.22 18.84 -22.07
N THR D 200 11.26 19.63 -21.00
CA THR D 200 11.86 20.97 -21.09
C THR D 200 13.23 20.98 -21.77
N GLU D 201 13.56 22.13 -22.36
CA GLU D 201 14.83 22.33 -23.07
C GLU D 201 16.04 21.85 -22.26
N THR D 202 16.27 22.47 -21.10
CA THR D 202 17.40 22.13 -20.22
C THR D 202 17.39 20.72 -19.65
N ALA D 203 16.21 20.19 -19.41
CA ALA D 203 16.07 18.87 -18.83
C ALA D 203 16.42 17.81 -19.86
N MET D 204 15.97 18.04 -21.09
CA MET D 204 16.19 17.08 -22.16
C MET D 204 17.66 17.02 -22.53
N LYS D 205 18.35 18.15 -22.36
CA LYS D 205 19.74 18.23 -22.75
C LYS D 205 20.52 17.09 -22.09
N ALA D 206 20.49 17.04 -20.77
CA ALA D 206 21.29 16.04 -20.06
C ALA D 206 20.48 14.87 -19.50
N VAL D 207 19.87 14.09 -20.40
CA VAL D 207 19.30 12.79 -20.03
C VAL D 207 19.67 11.77 -21.10
N SER D 208 20.32 12.27 -22.15
CA SER D 208 20.86 11.46 -23.23
C SER D 208 21.69 10.30 -22.69
N MET D 213 14.08 9.11 -21.16
CA MET D 213 13.02 8.18 -21.56
C MET D 213 11.75 8.96 -21.85
N GLN D 214 10.61 8.51 -21.31
CA GLN D 214 9.32 9.11 -21.71
C GLN D 214 9.08 10.53 -21.21
N ALA D 215 8.94 11.44 -22.17
CA ALA D 215 8.86 12.86 -21.89
C ALA D 215 7.43 13.37 -21.92
N ALA D 216 6.90 13.72 -20.76
CA ALA D 216 5.62 14.43 -20.70
C ALA D 216 5.82 15.92 -21.02
N PRO D 217 4.96 16.49 -21.87
CA PRO D 217 5.09 17.85 -22.40
C PRO D 217 4.84 19.00 -21.42
N LYS D 218 5.70 20.02 -21.52
CA LYS D 218 5.66 21.20 -20.64
C LYS D 218 4.27 21.83 -20.46
N GLU D 219 3.49 21.85 -21.53
CA GLU D 219 2.19 22.55 -21.55
C GLU D 219 1.23 22.05 -20.48
N GLU D 220 0.78 20.81 -20.62
CA GLU D 220 -0.20 20.25 -19.71
C GLU D 220 0.31 20.28 -18.28
N CYS D 221 1.63 20.21 -18.15
CA CYS D 221 2.32 20.22 -16.86
C CYS D 221 2.12 21.54 -16.11
N ALA D 222 2.47 22.66 -16.73
CA ALA D 222 2.31 23.95 -16.07
C ALA D 222 0.83 24.16 -15.77
N LEU D 223 0.00 23.89 -16.77
CA LEU D 223 -1.42 23.90 -16.60
C LEU D 223 -1.73 23.13 -15.32
N GLU D 224 -1.27 21.89 -15.30
CA GLU D 224 -1.50 20.97 -14.18
C GLU D 224 -1.07 21.58 -12.86
N ILE D 225 0.10 22.20 -12.86
CA ILE D 225 0.57 22.85 -11.66
C ILE D 225 -0.48 23.85 -11.20
N ILE D 226 -0.90 24.74 -12.08
CA ILE D 226 -1.88 25.76 -11.72
C ILE D 226 -3.19 25.17 -11.24
N LYS D 227 -3.77 24.29 -12.05
CA LYS D 227 -5.02 23.67 -11.67
C LYS D 227 -4.91 23.33 -10.20
N GLY D 228 -3.94 22.48 -9.89
CA GLY D 228 -3.74 22.00 -8.53
C GLY D 228 -3.63 23.11 -7.50
N GLY D 229 -2.85 24.13 -7.83
CA GLY D 229 -2.65 25.27 -6.94
C GLY D 229 -3.94 26.01 -6.62
N ALA D 230 -4.73 26.29 -7.65
CA ALA D 230 -6.02 26.92 -7.46
C ALA D 230 -6.98 25.94 -6.81
N LEU D 231 -7.03 24.74 -7.38
CA LEU D 231 -7.87 23.68 -6.83
C LEU D 231 -7.52 23.36 -5.38
N ARG D 232 -6.53 24.05 -4.84
CA ARG D 232 -6.10 23.86 -3.45
C ARG D 232 -5.69 22.41 -3.10
N GLN D 233 -5.18 21.67 -4.07
CA GLN D 233 -4.78 20.28 -3.82
C GLN D 233 -3.48 20.15 -3.00
N GLU D 234 -3.46 19.20 -2.07
CA GLU D 234 -2.26 18.92 -1.27
C GLU D 234 -1.01 18.59 -2.11
N GLU D 235 -1.18 17.73 -3.11
CA GLU D 235 -0.07 17.37 -3.99
C GLU D 235 -0.62 17.17 -5.39
N VAL D 236 0.25 17.01 -6.36
CA VAL D 236 -0.15 16.90 -7.75
C VAL D 236 0.90 16.11 -8.52
N TYR D 237 0.56 14.88 -8.89
CA TYR D 237 1.51 14.04 -9.58
C TYR D 237 1.31 14.28 -11.05
N TYR D 238 2.32 13.93 -11.84
CA TYR D 238 2.28 14.17 -13.27
C TYR D 238 3.51 13.57 -13.91
N ASP D 239 3.37 12.38 -14.48
CA ASP D 239 4.43 11.74 -15.25
C ASP D 239 3.85 11.26 -16.57
N SER D 240 4.72 11.11 -17.57
CA SER D 240 4.33 10.60 -18.88
C SER D 240 3.72 9.20 -18.76
N SER D 241 3.77 8.65 -17.55
CA SER D 241 3.36 7.26 -17.32
C SER D 241 2.22 7.16 -16.30
N LEU D 242 1.03 6.87 -16.82
CA LEU D 242 -0.13 6.66 -15.96
C LEU D 242 0.16 5.50 -15.01
N TRP D 243 0.79 4.46 -15.56
CA TRP D 243 1.02 3.22 -14.83
C TRP D 243 1.65 3.54 -13.47
N THR D 244 2.69 4.36 -13.50
CA THR D 244 3.43 4.74 -12.30
C THR D 244 2.66 5.69 -11.41
N THR D 245 2.06 6.71 -12.02
CA THR D 245 1.47 7.83 -11.28
C THR D 245 0.61 7.45 -10.05
N LEU D 246 -0.16 6.38 -10.10
CA LEU D 246 -1.04 6.07 -8.98
C LEU D 246 -0.35 5.35 -7.81
N LEU D 247 0.70 4.58 -8.07
CA LEU D 247 1.49 4.05 -6.95
C LEU D 247 2.55 5.02 -6.44
N ILE D 248 2.88 6.02 -7.26
CA ILE D 248 3.87 7.02 -6.90
C ILE D 248 3.19 7.90 -5.85
N ARG D 249 1.87 7.76 -5.75
CA ARG D 249 1.16 8.21 -4.58
C ARG D 249 1.75 7.36 -3.47
N ASN D 250 1.41 7.67 -2.23
CA ASN D 250 1.98 6.97 -1.08
C ASN D 250 0.96 6.78 0.04
N PRO D 251 0.06 5.80 -0.12
CA PRO D 251 -1.05 5.63 0.81
C PRO D 251 -0.45 5.34 2.16
N SER D 252 0.56 4.48 2.16
CA SER D 252 1.29 4.17 3.37
C SER D 252 1.32 5.36 4.32
N ARG D 253 1.77 6.50 3.78
CA ARG D 253 2.06 7.69 4.58
C ARG D 253 0.84 8.52 5.00
N LYS D 254 -0.08 8.71 4.05
CA LYS D 254 -1.28 9.53 4.29
C LYS D 254 -1.98 9.07 5.55
N ILE D 255 -1.77 7.80 5.89
CA ILE D 255 -2.38 7.17 7.04
C ILE D 255 -1.79 7.77 8.31
N LEU D 256 -0.68 7.18 8.72
CA LEU D 256 0.12 7.58 9.85
C LEU D 256 0.06 9.06 10.24
N GLU D 257 0.14 9.95 9.25
CA GLU D 257 0.02 11.40 9.48
C GLU D 257 -1.37 11.68 10.07
N PHE D 258 -2.38 11.47 9.23
CA PHE D 258 -3.79 11.56 9.61
C PHE D 258 -4.07 10.73 10.85
N LEU D 259 -3.33 9.63 10.99
CA LEU D 259 -3.41 8.75 12.17
C LEU D 259 -2.96 9.47 13.43
N TYR D 260 -1.70 9.90 13.45
CA TYR D 260 -1.15 10.57 14.62
C TYR D 260 -1.87 11.88 14.93
N SER D 261 -2.23 12.62 13.88
CA SER D 261 -2.90 13.91 14.04
C SER D 261 -4.13 13.80 14.93
#